data_5X0S
#
_entry.id   5X0S
#
_entity_poly.entity_id   1
_entity_poly.type   'polypeptide(L)'
_entity_poly.pdbx_seq_one_letter_code
;EVIKKDTPYKKRKFPYKSECLKACATSFTGGDESRIQEGKPGFFKCTCYFTTG
;
_entity_poly.pdbx_strand_id   A
#
# COMPACT_ATOMS: atom_id res chain seq x y z
N GLU A 1 3.16 6.79 -16.74
CA GLU A 1 2.13 7.82 -16.45
C GLU A 1 1.52 7.54 -15.07
N VAL A 2 2.23 6.76 -14.27
CA VAL A 2 1.74 6.42 -12.93
C VAL A 2 2.82 6.72 -11.89
N ILE A 3 2.41 6.71 -10.62
CA ILE A 3 3.35 6.99 -9.53
C ILE A 3 3.67 5.71 -8.77
N LYS A 4 4.64 5.80 -7.86
CA LYS A 4 5.04 4.64 -7.06
C LYS A 4 4.85 4.92 -5.58
N LYS A 5 3.91 4.21 -4.96
CA LYS A 5 3.65 4.40 -3.54
C LYS A 5 3.90 3.11 -2.76
N ASP A 6 5.01 3.07 -2.04
CA ASP A 6 5.35 1.89 -1.26
C ASP A 6 5.57 2.27 0.21
N THR A 7 4.95 1.51 1.11
CA THR A 7 5.06 1.77 2.54
C THR A 7 5.98 0.73 3.19
N PRO A 8 6.39 0.96 4.41
CA PRO A 8 7.29 0.02 5.14
C PRO A 8 6.50 -0.93 6.03
N TYR A 9 7.03 -2.13 6.23
CA TYR A 9 6.33 -3.12 7.04
C TYR A 9 7.27 -3.76 8.06
N LYS A 10 8.53 -3.95 7.66
CA LYS A 10 9.52 -4.56 8.55
C LYS A 10 9.25 -6.06 8.68
N LYS A 11 8.17 -6.40 9.38
CA LYS A 11 7.78 -7.80 9.59
C LYS A 11 6.99 -7.96 10.88
N ARG A 12 6.05 -7.05 11.10
CA ARG A 12 5.23 -7.11 12.31
C ARG A 12 4.68 -8.51 12.52
N LYS A 13 5.15 -9.18 13.56
CA LYS A 13 4.69 -10.53 13.86
C LYS A 13 4.87 -11.44 12.63
N PHE A 14 3.78 -12.08 12.22
CA PHE A 14 3.83 -12.97 11.07
C PHE A 14 3.35 -12.24 9.82
N PRO A 15 3.71 -12.75 8.66
CA PRO A 15 3.32 -12.13 7.36
C PRO A 15 1.81 -11.93 7.27
N TYR A 16 1.40 -10.69 7.03
CA TYR A 16 -0.02 -10.37 6.93
C TYR A 16 -0.37 -9.88 5.52
N LYS A 17 0.53 -9.09 4.93
CA LYS A 17 0.30 -8.56 3.60
C LYS A 17 -0.86 -7.56 3.60
N SER A 18 -2.02 -8.01 4.06
CA SER A 18 -3.20 -7.15 4.12
C SER A 18 -3.01 -6.05 5.14
N GLU A 19 -2.25 -6.34 6.20
CA GLU A 19 -2.00 -5.34 7.24
C GLU A 19 -1.09 -4.24 6.71
N CYS A 20 -0.26 -4.59 5.73
CA CYS A 20 0.66 -3.63 5.14
C CYS A 20 -0.02 -2.88 3.99
N LEU A 21 -0.62 -3.63 3.08
CA LEU A 21 -1.31 -3.02 1.95
C LEU A 21 -2.31 -1.99 2.45
N LYS A 22 -2.91 -2.27 3.60
CA LYS A 22 -3.87 -1.36 4.20
C LYS A 22 -3.20 -0.03 4.55
N ALA A 23 -1.94 -0.11 4.97
CA ALA A 23 -1.20 1.10 5.33
C ALA A 23 -1.15 2.05 4.14
N CYS A 24 -1.11 1.48 2.93
CA CYS A 24 -1.06 2.29 1.72
C CYS A 24 -2.40 3.00 1.51
N ALA A 25 -3.48 2.23 1.52
CA ALA A 25 -4.81 2.79 1.33
C ALA A 25 -5.18 3.66 2.52
N THR A 26 -4.64 3.31 3.70
CA THR A 26 -4.92 4.06 4.91
C THR A 26 -3.87 5.16 5.11
N SER A 27 -2.69 4.95 4.54
CA SER A 27 -1.62 5.93 4.65
C SER A 27 -2.16 7.35 4.49
N PHE A 28 -3.28 7.47 3.79
CA PHE A 28 -3.90 8.76 3.57
C PHE A 28 -5.38 8.61 3.22
N THR A 29 -6.14 9.68 3.42
CA THR A 29 -7.57 9.64 3.14
C THR A 29 -8.06 11.01 2.68
N GLY A 30 -9.01 11.02 1.75
CA GLY A 30 -9.55 12.26 1.22
C GLY A 30 -10.15 12.04 -0.16
N GLY A 31 -9.29 11.73 -1.13
CA GLY A 31 -9.75 11.51 -2.49
C GLY A 31 -10.10 10.04 -2.72
N ASP A 32 -11.00 9.79 -3.66
CA ASP A 32 -11.41 8.42 -3.96
C ASP A 32 -10.21 7.55 -4.27
N GLU A 33 -9.50 7.13 -3.23
CA GLU A 33 -8.32 6.28 -3.40
C GLU A 33 -7.32 6.93 -4.36
N SER A 34 -7.67 8.11 -4.86
CA SER A 34 -6.78 8.82 -5.77
C SER A 34 -5.40 8.95 -5.16
N ARG A 35 -4.56 7.96 -5.43
CA ARG A 35 -3.19 7.94 -4.91
C ARG A 35 -2.71 6.50 -4.84
N ILE A 36 -3.67 5.57 -4.83
CA ILE A 36 -3.36 4.15 -4.79
C ILE A 36 -4.31 3.37 -5.69
N GLN A 37 -5.58 3.32 -5.31
CA GLN A 37 -6.57 2.60 -6.10
C GLN A 37 -6.25 1.11 -6.12
N GLU A 38 -4.95 0.79 -6.13
CA GLU A 38 -4.53 -0.60 -6.14
C GLU A 38 -3.07 -0.71 -5.73
N GLY A 39 -2.74 -1.78 -5.00
CA GLY A 39 -1.37 -1.99 -4.55
C GLY A 39 -1.13 -3.44 -4.16
N LYS A 40 0.13 -3.81 -4.03
CA LYS A 40 0.48 -5.18 -3.67
C LYS A 40 1.27 -5.21 -2.36
N PRO A 41 1.39 -6.36 -1.74
CA PRO A 41 2.12 -6.51 -0.46
C PRO A 41 3.55 -7.02 -0.65
N GLY A 42 4.34 -6.90 0.40
CA GLY A 42 5.73 -7.35 0.36
C GLY A 42 6.26 -7.56 1.77
N PHE A 43 7.30 -8.38 1.90
CA PHE A 43 7.88 -8.64 3.21
C PHE A 43 8.86 -7.53 3.58
N PHE A 44 8.74 -7.02 4.80
CA PHE A 44 9.62 -5.94 5.24
C PHE A 44 9.28 -4.66 4.51
N LYS A 45 8.28 -4.74 3.63
CA LYS A 45 7.86 -3.57 2.86
C LYS A 45 6.71 -3.95 1.93
N CYS A 46 6.10 -2.94 1.33
CA CYS A 46 4.99 -3.18 0.42
C CYS A 46 4.95 -2.09 -0.65
N THR A 47 4.71 -2.48 -1.89
CA THR A 47 4.66 -1.52 -2.99
C THR A 47 3.24 -1.35 -3.49
N CYS A 48 2.85 -0.10 -3.71
CA CYS A 48 1.52 0.20 -4.21
C CYS A 48 1.61 1.05 -5.47
N TYR A 49 0.51 1.15 -6.21
CA TYR A 49 0.50 1.93 -7.43
C TYR A 49 -0.79 2.73 -7.53
N PHE A 50 -0.72 3.91 -8.14
CA PHE A 50 -1.90 4.76 -8.28
C PHE A 50 -2.48 4.60 -9.68
N THR A 51 -3.53 3.79 -9.80
CA THR A 51 -4.17 3.57 -11.09
C THR A 51 -4.62 4.88 -11.69
N THR A 52 -3.71 5.55 -12.40
CA THR A 52 -4.03 6.82 -13.03
C THR A 52 -3.45 6.88 -14.44
N GLY A 53 -4.31 7.21 -15.41
CA GLY A 53 -3.88 7.28 -16.80
C GLY A 53 -5.00 6.87 -17.74
N GLU A 1 6.28 4.71 -15.73
CA GLU A 1 6.76 4.65 -14.32
C GLU A 1 5.55 4.65 -13.39
N VAL A 2 4.41 5.11 -13.89
CA VAL A 2 3.19 5.14 -13.08
C VAL A 2 3.52 5.32 -11.61
N ILE A 3 3.40 6.56 -11.13
CA ILE A 3 3.68 6.86 -9.73
C ILE A 3 3.49 5.62 -8.86
N LYS A 4 4.41 5.42 -7.91
CA LYS A 4 4.33 4.27 -7.01
C LYS A 4 4.49 4.72 -5.56
N LYS A 5 3.70 4.13 -4.67
CA LYS A 5 3.78 4.49 -3.26
C LYS A 5 3.86 3.23 -2.38
N ASP A 6 5.05 2.95 -1.89
CA ASP A 6 5.25 1.77 -1.04
C ASP A 6 5.39 2.18 0.42
N THR A 7 5.01 1.27 1.31
CA THR A 7 5.09 1.53 2.74
C THR A 7 6.09 0.56 3.39
N PRO A 8 6.48 0.81 4.61
CA PRO A 8 7.44 -0.06 5.34
C PRO A 8 6.75 -1.06 6.26
N TYR A 9 7.44 -2.16 6.55
CA TYR A 9 6.88 -3.19 7.42
C TYR A 9 8.01 -3.96 8.08
N LYS A 10 7.67 -5.10 8.70
CA LYS A 10 8.68 -5.90 9.37
C LYS A 10 8.09 -7.19 9.92
N LYS A 11 7.20 -7.81 9.16
CA LYS A 11 6.58 -9.06 9.59
C LYS A 11 6.33 -9.03 11.10
N ARG A 12 5.42 -8.18 11.54
CA ARG A 12 5.11 -8.07 12.96
C ARG A 12 5.34 -9.41 13.66
N LYS A 13 4.80 -10.48 13.08
CA LYS A 13 4.96 -11.80 13.66
C LYS A 13 4.62 -12.88 12.64
N PHE A 14 3.97 -12.49 11.55
CA PHE A 14 3.60 -13.43 10.50
C PHE A 14 2.71 -12.75 9.45
N PRO A 15 1.70 -12.05 9.89
CA PRO A 15 0.77 -11.33 8.99
C PRO A 15 1.36 -10.00 8.51
N TYR A 16 1.55 -9.87 7.21
CA TYR A 16 2.12 -8.64 6.65
C TYR A 16 1.29 -8.16 5.47
N LYS A 17 0.79 -9.09 4.66
CA LYS A 17 -0.01 -8.75 3.50
C LYS A 17 -0.96 -7.59 3.79
N SER A 18 -2.24 -7.92 3.96
CA SER A 18 -3.26 -6.90 4.24
C SER A 18 -2.84 -5.97 5.36
N GLU A 19 -1.88 -6.40 6.18
CA GLU A 19 -1.41 -5.57 7.29
C GLU A 19 -0.57 -4.43 6.77
N CYS A 20 0.13 -4.67 5.67
CA CYS A 20 0.97 -3.66 5.06
C CYS A 20 0.19 -2.88 4.01
N LEU A 21 -0.44 -3.62 3.10
CA LEU A 21 -1.23 -3.01 2.04
C LEU A 21 -2.26 -2.06 2.65
N LYS A 22 -2.55 -2.25 3.93
CA LYS A 22 -3.50 -1.41 4.62
C LYS A 22 -2.91 -0.03 4.83
N ALA A 23 -1.67 0.02 5.31
CA ALA A 23 -1.01 1.30 5.55
C ALA A 23 -1.07 2.15 4.29
N CYS A 24 -0.92 1.50 3.14
CA CYS A 24 -0.96 2.20 1.86
C CYS A 24 -2.32 2.85 1.66
N ALA A 25 -3.38 2.06 1.87
CA ALA A 25 -4.74 2.57 1.71
C ALA A 25 -5.07 3.52 2.85
N THR A 26 -4.33 3.41 3.94
CA THR A 26 -4.56 4.27 5.09
C THR A 26 -3.97 5.66 4.83
N SER A 27 -3.06 5.74 3.87
CA SER A 27 -2.44 7.01 3.53
C SER A 27 -3.46 7.97 2.94
N PHE A 28 -4.61 7.42 2.56
CA PHE A 28 -5.67 8.24 1.97
C PHE A 28 -5.87 9.52 2.78
N THR A 29 -6.04 10.64 2.07
CA THR A 29 -6.24 11.91 2.73
C THR A 29 -7.59 12.50 2.35
N GLY A 30 -8.59 11.62 2.20
CA GLY A 30 -9.93 12.07 1.84
C GLY A 30 -10.40 11.38 0.57
N GLY A 31 -11.50 10.64 0.66
CA GLY A 31 -12.05 9.93 -0.49
C GLY A 31 -11.82 8.43 -0.36
N ASP A 32 -10.69 8.05 0.22
CA ASP A 32 -10.36 6.64 0.40
C ASP A 32 -9.80 6.05 -0.89
N GLU A 33 -9.38 6.93 -1.80
CA GLU A 33 -8.83 6.49 -3.07
C GLU A 33 -7.83 7.51 -3.60
N SER A 34 -7.84 7.73 -4.91
CA SER A 34 -6.91 8.68 -5.53
C SER A 34 -5.65 8.81 -4.69
N ARG A 35 -4.70 7.93 -4.97
CA ARG A 35 -3.42 7.91 -4.26
C ARG A 35 -2.86 6.50 -4.33
N ILE A 36 -3.74 5.54 -4.52
CA ILE A 36 -3.36 4.14 -4.61
C ILE A 36 -4.27 3.42 -5.60
N GLN A 37 -5.55 3.34 -5.28
CA GLN A 37 -6.50 2.66 -6.15
C GLN A 37 -6.17 1.17 -6.25
N GLU A 38 -4.88 0.85 -6.23
CA GLU A 38 -4.44 -0.53 -6.32
C GLU A 38 -2.98 -0.66 -5.91
N GLY A 39 -2.65 -1.76 -5.25
CA GLY A 39 -1.29 -1.99 -4.80
C GLY A 39 -1.03 -3.47 -4.54
N LYS A 40 0.25 -3.82 -4.41
CA LYS A 40 0.63 -5.21 -4.16
C LYS A 40 1.31 -5.32 -2.80
N PRO A 41 1.36 -6.50 -2.23
CA PRO A 41 2.01 -6.74 -0.91
C PRO A 41 3.45 -7.25 -1.03
N GLY A 42 4.15 -7.19 0.09
CA GLY A 42 5.53 -7.65 0.17
C GLY A 42 5.92 -7.86 1.64
N PHE A 43 6.87 -8.74 1.88
CA PHE A 43 7.32 -9.01 3.24
C PHE A 43 8.30 -7.94 3.71
N PHE A 44 8.09 -7.43 4.91
CA PHE A 44 8.97 -6.39 5.45
C PHE A 44 8.70 -5.07 4.74
N LYS A 45 7.69 -5.07 3.87
CA LYS A 45 7.34 -3.86 3.13
C LYS A 45 6.35 -4.20 2.03
N CYS A 46 5.69 -3.19 1.50
CA CYS A 46 4.71 -3.39 0.43
C CYS A 46 4.71 -2.22 -0.54
N THR A 47 4.64 -2.54 -1.82
CA THR A 47 4.62 -1.51 -2.84
C THR A 47 3.24 -1.36 -3.46
N CYS A 48 2.81 -0.11 -3.60
CA CYS A 48 1.50 0.17 -4.16
C CYS A 48 1.63 1.09 -5.37
N TYR A 49 0.56 1.19 -6.16
CA TYR A 49 0.59 2.03 -7.34
C TYR A 49 -0.69 2.86 -7.42
N PHE A 50 -0.55 4.11 -7.84
CA PHE A 50 -1.71 5.00 -7.95
C PHE A 50 -2.19 5.05 -9.40
N THR A 51 -3.23 4.29 -9.69
CA THR A 51 -3.78 4.25 -11.05
C THR A 51 -4.04 5.66 -11.57
N THR A 52 -3.15 6.13 -12.45
CA THR A 52 -3.28 7.45 -13.02
C THR A 52 -3.32 7.38 -14.55
N GLY A 53 -4.52 7.26 -15.09
CA GLY A 53 -4.68 7.18 -16.54
C GLY A 53 -4.16 5.84 -17.07
N GLU A 1 0.13 8.48 -16.13
CA GLU A 1 1.32 7.64 -15.84
C GLU A 1 1.27 7.17 -14.40
N VAL A 2 1.15 5.86 -14.21
CA VAL A 2 1.09 5.29 -12.87
C VAL A 2 2.36 5.62 -12.08
N ILE A 3 2.20 5.90 -10.79
CA ILE A 3 3.35 6.24 -9.96
C ILE A 3 3.69 5.06 -9.04
N LYS A 4 4.85 5.14 -8.38
CA LYS A 4 5.28 4.08 -7.48
C LYS A 4 5.12 4.52 -6.03
N LYS A 5 4.09 3.98 -5.38
CA LYS A 5 3.81 4.32 -3.99
C LYS A 5 3.96 3.09 -3.10
N ASP A 6 5.02 3.06 -2.31
CA ASP A 6 5.27 1.93 -1.42
C ASP A 6 5.28 2.37 0.03
N THR A 7 4.68 1.56 0.90
CA THR A 7 4.63 1.88 2.33
C THR A 7 5.63 1.02 3.10
N PRO A 8 5.92 1.35 4.33
CA PRO A 8 6.88 0.60 5.17
C PRO A 8 6.17 -0.40 6.08
N TYR A 9 6.78 -1.58 6.21
CA TYR A 9 6.20 -2.63 7.05
C TYR A 9 7.27 -3.66 7.43
N LYS A 10 8.12 -3.30 8.39
CA LYS A 10 9.19 -4.19 8.82
C LYS A 10 8.64 -5.38 9.60
N LYS A 11 8.25 -6.42 8.88
CA LYS A 11 7.71 -7.62 9.50
C LYS A 11 7.16 -7.33 10.90
N ARG A 12 5.87 -7.07 10.98
CA ARG A 12 5.24 -6.77 12.26
C ARG A 12 4.39 -7.95 12.73
N LYS A 13 4.89 -8.64 13.75
CA LYS A 13 4.18 -9.79 14.29
C LYS A 13 3.67 -10.69 13.17
N PHE A 14 4.54 -11.59 12.70
CA PHE A 14 4.16 -12.50 11.63
C PHE A 14 3.70 -11.73 10.39
N PRO A 15 3.89 -12.29 9.23
CA PRO A 15 3.49 -11.65 7.95
C PRO A 15 1.97 -11.58 7.79
N TYR A 16 1.52 -10.71 6.89
CA TYR A 16 0.09 -10.55 6.66
C TYR A 16 -0.19 -10.15 5.21
N LYS A 17 0.70 -9.35 4.63
CA LYS A 17 0.55 -8.90 3.26
C LYS A 17 -0.63 -7.95 3.12
N SER A 18 -1.76 -8.31 3.72
CA SER A 18 -2.96 -7.48 3.65
C SER A 18 -2.90 -6.38 4.70
N GLU A 19 -2.48 -6.74 5.90
CA GLU A 19 -2.38 -5.77 6.99
C GLU A 19 -1.53 -4.58 6.58
N CYS A 20 -0.57 -4.82 5.70
CA CYS A 20 0.30 -3.75 5.23
C CYS A 20 -0.37 -2.96 4.12
N LEU A 21 -0.83 -3.67 3.09
CA LEU A 21 -1.50 -3.01 1.98
C LEU A 21 -2.44 -1.94 2.51
N LYS A 22 -2.88 -2.13 3.75
CA LYS A 22 -3.78 -1.18 4.39
C LYS A 22 -3.00 0.08 4.78
N ALA A 23 -1.83 -0.13 5.37
CA ALA A 23 -0.98 0.98 5.79
C ALA A 23 -0.77 1.95 4.63
N CYS A 24 -0.78 1.43 3.41
CA CYS A 24 -0.59 2.28 2.23
C CYS A 24 -1.85 3.08 1.94
N ALA A 25 -2.99 2.38 1.88
CA ALA A 25 -4.26 3.04 1.62
C ALA A 25 -4.70 3.85 2.83
N THR A 26 -4.15 3.52 3.99
CA THR A 26 -4.49 4.22 5.22
C THR A 26 -3.93 5.63 5.20
N SER A 27 -3.01 5.89 4.28
CA SER A 27 -2.41 7.21 4.16
C SER A 27 -3.45 8.30 4.45
N PHE A 28 -4.35 8.51 3.49
CA PHE A 28 -5.39 9.52 3.66
C PHE A 28 -4.78 10.91 3.82
N THR A 29 -4.75 11.67 2.73
CA THR A 29 -4.19 13.02 2.77
C THR A 29 -4.52 13.77 1.49
N GLY A 30 -5.46 13.24 0.71
CA GLY A 30 -5.86 13.86 -0.54
C GLY A 30 -7.38 14.03 -0.60
N GLY A 31 -8.02 13.27 -1.48
CA GLY A 31 -9.46 13.33 -1.62
C GLY A 31 -10.09 11.95 -1.46
N ASP A 32 -9.31 10.92 -1.77
CA ASP A 32 -9.80 9.55 -1.65
C ASP A 32 -8.70 8.57 -2.07
N GLU A 33 -9.12 7.43 -2.62
CA GLU A 33 -8.17 6.42 -3.06
C GLU A 33 -7.13 7.05 -3.98
N SER A 34 -7.53 8.08 -4.71
CA SER A 34 -6.61 8.75 -5.62
C SER A 34 -5.24 8.88 -4.97
N ARG A 35 -4.37 7.92 -5.29
CA ARG A 35 -3.03 7.89 -4.74
C ARG A 35 -2.53 6.45 -4.73
N ILE A 36 -3.48 5.53 -4.63
CA ILE A 36 -3.16 4.11 -4.62
C ILE A 36 -4.17 3.33 -5.46
N GLN A 37 -5.41 3.30 -5.01
CA GLN A 37 -6.44 2.58 -5.75
C GLN A 37 -6.14 1.08 -5.74
N GLU A 38 -4.86 0.75 -5.93
CA GLU A 38 -4.42 -0.63 -5.95
C GLU A 38 -2.95 -0.73 -5.57
N GLY A 39 -2.59 -1.80 -4.88
CA GLY A 39 -1.22 -2.01 -4.47
C GLY A 39 -0.94 -3.49 -4.21
N LYS A 40 0.34 -3.86 -4.19
CA LYS A 40 0.72 -5.24 -3.95
C LYS A 40 1.45 -5.36 -2.61
N PRO A 41 1.56 -6.55 -2.08
CA PRO A 41 2.24 -6.79 -0.78
C PRO A 41 3.70 -7.23 -0.96
N GLY A 42 4.44 -7.16 0.12
CA GLY A 42 5.85 -7.56 0.10
C GLY A 42 6.33 -7.95 1.49
N PHE A 43 7.47 -8.63 1.55
CA PHE A 43 8.02 -9.06 2.84
C PHE A 43 8.88 -7.95 3.44
N PHE A 44 8.56 -7.56 4.67
CA PHE A 44 9.31 -6.51 5.33
C PHE A 44 8.99 -5.15 4.71
N LYS A 45 8.07 -5.16 3.75
CA LYS A 45 7.68 -3.93 3.07
C LYS A 45 6.56 -4.22 2.07
N CYS A 46 6.10 -3.19 1.38
CA CYS A 46 5.04 -3.35 0.40
C CYS A 46 5.05 -2.24 -0.63
N THR A 47 4.66 -2.57 -1.85
CA THR A 47 4.63 -1.59 -2.94
C THR A 47 3.20 -1.31 -3.38
N CYS A 48 2.87 -0.03 -3.51
CA CYS A 48 1.53 0.37 -3.94
C CYS A 48 1.62 1.24 -5.19
N TYR A 49 0.57 1.23 -6.00
CA TYR A 49 0.55 2.03 -7.21
C TYR A 49 -0.78 2.76 -7.35
N PHE A 50 -0.77 3.90 -8.04
CA PHE A 50 -1.99 4.67 -8.21
C PHE A 50 -2.61 4.42 -9.58
N THR A 51 -3.69 3.62 -9.60
CA THR A 51 -4.36 3.31 -10.86
C THR A 51 -4.92 4.58 -11.49
N THR A 52 -4.14 5.19 -12.36
CA THR A 52 -4.57 6.42 -13.04
C THR A 52 -4.02 6.47 -14.47
N GLY A 53 -4.86 6.91 -15.39
CA GLY A 53 -4.45 7.00 -16.80
C GLY A 53 -4.66 8.42 -17.33
N GLU A 1 2.21 6.75 -16.07
CA GLU A 1 2.36 7.52 -14.80
C GLU A 1 1.77 6.72 -13.65
N VAL A 2 1.77 5.39 -13.79
CA VAL A 2 1.24 4.52 -12.76
C VAL A 2 1.58 5.05 -11.38
N ILE A 3 2.66 5.83 -11.30
CA ILE A 3 3.09 6.38 -10.02
C ILE A 3 3.50 5.26 -9.08
N LYS A 4 4.65 5.42 -8.43
CA LYS A 4 5.15 4.42 -7.50
C LYS A 4 4.97 4.90 -6.06
N LYS A 5 4.24 4.12 -5.27
CA LYS A 5 4.00 4.48 -3.88
C LYS A 5 4.20 3.25 -2.99
N ASP A 6 5.34 3.18 -2.31
CA ASP A 6 5.62 2.05 -1.44
C ASP A 6 5.71 2.50 0.01
N THR A 7 5.08 1.74 0.90
CA THR A 7 5.10 2.07 2.32
C THR A 7 5.93 1.05 3.08
N PRO A 8 6.31 1.35 4.30
CA PRO A 8 7.13 0.43 5.13
C PRO A 8 6.28 -0.39 6.09
N TYR A 9 6.88 -1.44 6.64
CA TYR A 9 6.19 -2.31 7.58
C TYR A 9 7.17 -2.90 8.58
N LYS A 10 8.04 -3.78 8.09
CA LYS A 10 9.04 -4.41 8.96
C LYS A 10 8.40 -4.80 10.29
N LYS A 11 7.07 -4.76 10.33
CA LYS A 11 6.34 -5.11 11.54
C LYS A 11 6.72 -6.51 12.00
N ARG A 12 6.35 -7.50 11.19
CA ARG A 12 6.66 -8.90 11.52
C ARG A 12 5.73 -9.41 12.62
N LYS A 13 5.79 -10.72 12.86
CA LYS A 13 4.95 -11.32 13.88
C LYS A 13 3.49 -11.30 13.47
N PHE A 14 3.14 -10.31 12.64
CA PHE A 14 1.77 -10.18 12.16
C PHE A 14 1.73 -10.21 10.64
N PRO A 15 0.66 -10.70 10.08
CA PRO A 15 0.48 -10.80 8.61
C PRO A 15 1.02 -9.57 7.89
N TYR A 16 1.21 -9.69 6.57
CA TYR A 16 1.72 -8.59 5.78
C TYR A 16 0.81 -8.31 4.59
N LYS A 17 0.27 -9.38 4.00
CA LYS A 17 -0.62 -9.25 2.86
C LYS A 17 -1.38 -7.93 2.91
N SER A 18 -2.49 -7.91 3.65
CA SER A 18 -3.31 -6.71 3.77
C SER A 18 -2.84 -5.83 4.94
N GLU A 19 -2.05 -6.42 5.83
CA GLU A 19 -1.55 -5.69 6.99
C GLU A 19 -0.66 -4.53 6.54
N CYS A 20 0.13 -4.77 5.50
CA CYS A 20 1.02 -3.73 5.00
C CYS A 20 0.31 -2.92 3.91
N LEU A 21 -0.36 -3.61 3.00
CA LEU A 21 -1.07 -2.93 1.93
C LEU A 21 -2.12 -2.01 2.52
N LYS A 22 -2.54 -2.31 3.74
CA LYS A 22 -3.53 -1.49 4.43
C LYS A 22 -2.97 -0.08 4.64
N ALA A 23 -1.72 -0.03 5.09
CA ALA A 23 -1.06 1.25 5.33
C ALA A 23 -1.15 2.14 4.10
N CYS A 24 -0.62 1.67 2.97
CA CYS A 24 -0.65 2.45 1.74
C CYS A 24 -2.06 2.97 1.47
N ALA A 25 -3.06 2.17 1.84
CA ALA A 25 -4.46 2.55 1.64
C ALA A 25 -4.95 3.47 2.75
N THR A 26 -4.52 3.21 3.98
CA THR A 26 -4.94 4.02 5.11
C THR A 26 -4.32 5.41 5.03
N SER A 27 -3.22 5.51 4.27
CA SER A 27 -2.54 6.78 4.11
C SER A 27 -3.54 7.93 3.97
N PHE A 28 -4.73 7.60 3.47
CA PHE A 28 -5.77 8.61 3.29
C PHE A 28 -7.04 8.20 4.03
N THR A 29 -8.15 8.84 3.69
CA THR A 29 -9.43 8.54 4.33
C THR A 29 -10.25 7.62 3.45
N GLY A 30 -9.71 7.26 2.30
CA GLY A 30 -10.41 6.38 1.37
C GLY A 30 -11.59 7.10 0.75
N GLY A 31 -11.46 8.41 0.56
CA GLY A 31 -12.53 9.21 -0.03
C GLY A 31 -12.69 8.88 -1.51
N ASP A 32 -11.60 8.52 -2.16
CA ASP A 32 -11.64 8.18 -3.58
C ASP A 32 -10.40 7.38 -3.99
N GLU A 33 -9.89 6.59 -3.06
CA GLU A 33 -8.71 5.76 -3.34
C GLU A 33 -7.68 6.57 -4.12
N SER A 34 -7.89 7.87 -4.24
CA SER A 34 -6.96 8.73 -4.96
C SER A 34 -5.63 8.81 -4.21
N ARG A 35 -4.73 7.89 -4.54
CA ARG A 35 -3.43 7.83 -3.88
C ARG A 35 -2.85 6.43 -4.03
N ILE A 36 -3.75 5.47 -4.22
CA ILE A 36 -3.36 4.07 -4.37
C ILE A 36 -4.28 3.36 -5.36
N GLN A 37 -5.56 3.28 -5.02
CA GLN A 37 -6.51 2.59 -5.88
C GLN A 37 -6.19 1.11 -5.95
N GLU A 38 -4.90 0.78 -5.93
CA GLU A 38 -4.47 -0.60 -5.98
C GLU A 38 -3.00 -0.72 -5.58
N GLY A 39 -2.65 -1.87 -5.01
CA GLY A 39 -1.28 -2.11 -4.59
C GLY A 39 -1.05 -3.59 -4.31
N LYS A 40 0.22 -3.99 -4.25
CA LYS A 40 0.55 -5.38 -3.99
C LYS A 40 1.20 -5.51 -2.62
N PRO A 41 1.29 -6.71 -2.08
CA PRO A 41 1.90 -6.95 -0.75
C PRO A 41 3.35 -7.40 -0.85
N GLY A 42 4.03 -7.34 0.28
CA GLY A 42 5.43 -7.74 0.35
C GLY A 42 5.81 -8.17 1.76
N PHE A 43 6.87 -8.96 1.88
CA PHE A 43 7.30 -9.43 3.19
C PHE A 43 8.06 -8.33 3.93
N PHE A 44 7.59 -7.96 5.11
CA PHE A 44 8.22 -6.92 5.89
C PHE A 44 8.10 -5.58 5.17
N LYS A 45 7.05 -5.44 4.38
CA LYS A 45 6.80 -4.23 3.62
C LYS A 45 5.83 -4.52 2.49
N CYS A 46 5.53 -3.50 1.69
CA CYS A 46 4.61 -3.68 0.57
C CYS A 46 4.71 -2.51 -0.40
N THR A 47 4.45 -2.78 -1.66
CA THR A 47 4.52 -1.74 -2.68
C THR A 47 3.14 -1.48 -3.27
N CYS A 48 2.68 -0.24 -3.15
CA CYS A 48 1.37 0.13 -3.69
C CYS A 48 1.54 1.16 -4.80
N TYR A 49 0.54 1.25 -5.67
CA TYR A 49 0.60 2.19 -6.78
C TYR A 49 -0.69 2.97 -6.89
N PHE A 50 -0.63 4.16 -7.46
CA PHE A 50 -1.82 4.99 -7.61
C PHE A 50 -2.31 4.93 -9.06
N THR A 51 -3.36 4.15 -9.29
CA THR A 51 -3.91 4.01 -10.63
C THR A 51 -4.29 5.37 -11.20
N THR A 52 -3.34 6.00 -11.90
CA THR A 52 -3.57 7.31 -12.49
C THR A 52 -3.72 7.19 -14.01
N GLY A 53 -4.96 7.30 -14.49
CA GLY A 53 -5.20 7.20 -15.93
C GLY A 53 -5.05 8.55 -16.60
N GLU A 1 3.41 7.12 -16.41
CA GLU A 1 4.26 6.55 -15.33
C GLU A 1 3.42 6.37 -14.08
N VAL A 2 2.26 7.03 -14.04
CA VAL A 2 1.37 6.93 -12.89
C VAL A 2 2.02 7.53 -11.64
N ILE A 3 2.35 6.68 -10.67
CA ILE A 3 2.97 7.15 -9.44
C ILE A 3 3.58 5.97 -8.67
N LYS A 4 4.36 6.29 -7.65
CA LYS A 4 4.99 5.24 -6.84
C LYS A 4 4.58 5.40 -5.37
N LYS A 5 3.69 4.52 -4.93
CA LYS A 5 3.21 4.57 -3.56
C LYS A 5 3.54 3.27 -2.82
N ASP A 6 4.54 3.32 -1.96
CA ASP A 6 4.94 2.15 -1.19
C ASP A 6 5.14 2.51 0.28
N THR A 7 4.66 1.64 1.17
CA THR A 7 4.79 1.88 2.60
C THR A 7 5.66 0.80 3.23
N PRO A 8 6.12 1.01 4.44
CA PRO A 8 6.97 0.02 5.16
C PRO A 8 6.15 -0.86 6.10
N TYR A 9 6.58 -2.09 6.28
CA TYR A 9 5.88 -3.02 7.15
C TYR A 9 6.61 -3.17 8.48
N LYS A 10 7.79 -3.79 8.44
CA LYS A 10 8.57 -3.98 9.66
C LYS A 10 7.68 -4.47 10.79
N LYS A 11 6.44 -4.81 10.46
CA LYS A 11 5.49 -5.29 11.47
C LYS A 11 5.92 -6.64 12.00
N ARG A 12 6.12 -7.60 11.10
CA ARG A 12 6.54 -8.95 11.50
C ARG A 12 5.74 -9.43 12.70
N LYS A 13 4.62 -10.09 12.44
CA LYS A 13 3.78 -10.59 13.52
C LYS A 13 3.01 -11.83 13.04
N PHE A 14 1.76 -11.62 12.63
CA PHE A 14 0.93 -12.73 12.16
C PHE A 14 0.66 -12.60 10.66
N PRO A 15 0.24 -11.45 10.22
CA PRO A 15 -0.07 -11.21 8.78
C PRO A 15 1.17 -10.78 7.99
N TYR A 16 0.96 -10.42 6.73
CA TYR A 16 2.05 -10.00 5.87
C TYR A 16 1.56 -9.79 4.44
N LYS A 17 0.30 -9.37 4.32
CA LYS A 17 -0.29 -9.13 3.00
C LYS A 17 -1.25 -7.95 3.06
N SER A 18 -2.46 -8.20 3.57
CA SER A 18 -3.46 -7.15 3.68
C SER A 18 -3.03 -6.12 4.72
N GLU A 19 -2.19 -6.55 5.66
CA GLU A 19 -1.71 -5.66 6.70
C GLU A 19 -0.65 -4.71 6.14
N CYS A 20 -0.10 -5.07 4.99
CA CYS A 20 0.91 -4.25 4.34
C CYS A 20 0.24 -3.24 3.41
N LEU A 21 -0.93 -3.63 2.90
CA LEU A 21 -1.68 -2.77 2.01
C LEU A 21 -2.64 -1.90 2.81
N LYS A 22 -3.14 -2.45 3.91
CA LYS A 22 -4.06 -1.72 4.76
C LYS A 22 -3.46 -0.37 5.15
N ALA A 23 -2.14 -0.32 5.25
CA ALA A 23 -1.46 0.91 5.59
C ALA A 23 -1.39 1.84 4.38
N CYS A 24 -1.09 1.26 3.22
CA CYS A 24 -1.01 2.03 1.99
C CYS A 24 -2.25 2.89 1.83
N ALA A 25 -3.42 2.29 2.04
CA ALA A 25 -4.67 3.01 1.92
C ALA A 25 -4.78 4.07 3.01
N THR A 26 -3.95 3.92 4.04
CA THR A 26 -3.93 4.87 5.15
C THR A 26 -2.89 5.96 4.90
N SER A 27 -2.01 5.71 3.94
CA SER A 27 -0.96 6.67 3.60
C SER A 27 -1.56 8.06 3.41
N PHE A 28 -2.84 8.11 3.08
CA PHE A 28 -3.51 9.39 2.87
C PHE A 28 -5.01 9.26 3.14
N THR A 29 -5.67 10.40 3.34
CA THR A 29 -7.10 10.40 3.63
C THR A 29 -7.83 9.41 2.72
N GLY A 30 -8.61 8.52 3.33
CA GLY A 30 -9.35 7.53 2.55
C GLY A 30 -8.77 6.13 2.78
N GLY A 31 -9.63 5.20 3.13
CA GLY A 31 -9.20 3.82 3.37
C GLY A 31 -9.67 2.90 2.25
N ASP A 32 -9.77 3.43 1.04
CA ASP A 32 -10.21 2.66 -0.11
C ASP A 32 -9.34 2.95 -1.32
N GLU A 33 -9.98 3.13 -2.47
CA GLU A 33 -9.26 3.41 -3.71
C GLU A 33 -8.67 4.82 -3.67
N SER A 34 -8.33 5.34 -4.85
CA SER A 34 -7.75 6.68 -4.95
C SER A 34 -6.36 6.70 -4.31
N ARG A 35 -5.36 7.02 -5.11
CA ARG A 35 -3.98 7.07 -4.63
C ARG A 35 -3.38 5.67 -4.59
N ILE A 36 -4.24 4.67 -4.71
CA ILE A 36 -3.78 3.28 -4.72
C ILE A 36 -4.62 2.44 -5.67
N GLN A 37 -5.86 2.18 -5.28
CA GLN A 37 -6.76 1.37 -6.10
C GLN A 37 -6.21 -0.04 -6.26
N GLU A 38 -4.89 -0.17 -6.26
CA GLU A 38 -4.25 -1.48 -6.40
C GLU A 38 -2.79 -1.38 -6.00
N GLY A 39 -2.29 -2.44 -5.37
CA GLY A 39 -0.90 -2.45 -4.93
C GLY A 39 -0.41 -3.85 -4.61
N LYS A 40 0.90 -4.02 -4.63
CA LYS A 40 1.52 -5.32 -4.32
C LYS A 40 2.14 -5.26 -2.93
N PRO A 41 1.61 -6.00 -1.98
CA PRO A 41 2.14 -6.01 -0.59
C PRO A 41 3.11 -7.16 -0.34
N GLY A 42 3.84 -7.05 0.76
CA GLY A 42 4.82 -8.06 1.15
C GLY A 42 5.24 -7.88 2.60
N PHE A 43 5.90 -8.89 3.16
CA PHE A 43 6.36 -8.82 4.54
C PHE A 43 7.59 -7.92 4.65
N PHE A 44 7.57 -7.03 5.62
CA PHE A 44 8.70 -6.11 5.84
C PHE A 44 8.66 -4.93 4.88
N LYS A 45 7.59 -4.85 4.08
CA LYS A 45 7.46 -3.76 3.12
C LYS A 45 6.24 -3.94 2.24
N CYS A 46 5.82 -2.87 1.58
CA CYS A 46 4.66 -2.94 0.69
C CYS A 46 4.73 -1.86 -0.38
N THR A 47 4.59 -2.27 -1.64
CA THR A 47 4.62 -1.32 -2.74
C THR A 47 3.26 -1.25 -3.42
N CYS A 48 2.72 -0.05 -3.54
CA CYS A 48 1.41 0.13 -4.16
C CYS A 48 1.48 1.10 -5.33
N TYR A 49 0.44 1.07 -6.16
CA TYR A 49 0.38 1.96 -7.33
C TYR A 49 -0.96 2.67 -7.37
N PHE A 50 -0.97 3.89 -7.89
CA PHE A 50 -2.22 4.66 -7.97
C PHE A 50 -2.80 4.59 -9.38
N THR A 51 -3.82 3.76 -9.54
CA THR A 51 -4.46 3.61 -10.84
C THR A 51 -4.99 4.96 -11.33
N THR A 52 -4.20 5.63 -12.16
CA THR A 52 -4.61 6.94 -12.68
C THR A 52 -4.43 6.99 -14.20
N GLY A 53 -4.42 5.81 -14.82
CA GLY A 53 -4.27 5.73 -16.27
C GLY A 53 -2.84 5.34 -16.65
N GLU A 1 6.35 4.27 -15.57
CA GLU A 1 5.30 5.04 -16.30
C GLU A 1 4.10 5.26 -15.37
N VAL A 2 4.19 4.69 -14.17
CA VAL A 2 3.11 4.83 -13.20
C VAL A 2 3.66 5.28 -11.85
N ILE A 3 2.80 5.86 -11.03
CA ILE A 3 3.20 6.35 -9.72
C ILE A 3 3.61 5.17 -8.82
N LYS A 4 4.74 5.34 -8.13
CA LYS A 4 5.23 4.29 -7.24
C LYS A 4 4.98 4.66 -5.79
N LYS A 5 4.00 4.01 -5.17
CA LYS A 5 3.66 4.30 -3.78
C LYS A 5 3.80 3.02 -2.94
N ASP A 6 4.88 2.97 -2.16
CA ASP A 6 5.12 1.81 -1.30
C ASP A 6 5.25 2.25 0.15
N THR A 7 4.71 1.44 1.06
CA THR A 7 4.78 1.76 2.48
C THR A 7 5.81 0.87 3.17
N PRO A 8 6.19 1.19 4.39
CA PRO A 8 7.18 0.41 5.16
C PRO A 8 6.52 -0.59 6.11
N TYR A 9 7.15 -1.73 6.31
CA TYR A 9 6.60 -2.75 7.20
C TYR A 9 7.72 -3.49 7.93
N LYS A 10 7.50 -4.77 8.18
CA LYS A 10 8.48 -5.59 8.87
C LYS A 10 8.00 -7.03 8.98
N LYS A 11 6.82 -7.20 9.60
CA LYS A 11 6.22 -8.53 9.77
C LYS A 11 5.38 -8.56 11.03
N ARG A 12 4.57 -7.53 11.24
CA ARG A 12 3.72 -7.45 12.42
C ARG A 12 2.83 -8.69 12.52
N LYS A 13 2.90 -9.38 13.65
CA LYS A 13 2.10 -10.58 13.85
C LYS A 13 2.30 -11.56 12.71
N PHE A 14 3.57 -11.83 12.39
CA PHE A 14 3.89 -12.75 11.31
C PHE A 14 3.42 -12.19 9.97
N PRO A 15 4.01 -12.64 8.90
CA PRO A 15 3.66 -12.18 7.53
C PRO A 15 2.17 -11.91 7.37
N TYR A 16 1.80 -10.64 7.40
CA TYR A 16 0.41 -10.24 7.26
C TYR A 16 0.26 -9.17 6.18
N LYS A 17 0.35 -9.59 4.92
CA LYS A 17 0.25 -8.66 3.81
C LYS A 17 -0.97 -7.76 3.95
N SER A 18 -1.87 -8.14 4.85
CA SER A 18 -3.09 -7.35 5.08
C SER A 18 -2.77 -6.06 5.83
N GLU A 19 -1.68 -6.07 6.59
CA GLU A 19 -1.29 -4.90 7.35
C GLU A 19 -0.32 -4.03 6.55
N CYS A 20 0.38 -4.65 5.61
CA CYS A 20 1.33 -3.92 4.77
C CYS A 20 0.58 -3.19 3.68
N LEU A 21 -0.46 -3.84 3.17
CA LEU A 21 -1.27 -3.26 2.10
C LEU A 21 -2.23 -2.22 2.67
N LYS A 22 -2.66 -2.43 3.91
CA LYS A 22 -3.59 -1.51 4.56
C LYS A 22 -2.94 -0.15 4.80
N ALA A 23 -1.73 -0.18 5.33
CA ALA A 23 -1.00 1.07 5.60
C ALA A 23 -1.06 1.99 4.39
N CYS A 24 -0.90 1.42 3.20
CA CYS A 24 -0.94 2.20 1.97
C CYS A 24 -2.33 2.79 1.77
N ALA A 25 -3.35 1.95 1.92
CA ALA A 25 -4.73 2.41 1.74
C ALA A 25 -5.13 3.32 2.89
N THR A 26 -4.36 3.32 3.96
CA THR A 26 -4.65 4.15 5.12
C THR A 26 -4.08 5.55 4.92
N SER A 27 -3.17 5.69 3.96
CA SER A 27 -2.55 6.97 3.68
C SER A 27 -3.54 8.12 3.86
N PHE A 28 -4.82 7.81 3.71
CA PHE A 28 -5.86 8.82 3.85
C PHE A 28 -7.18 8.19 4.30
N THR A 29 -8.19 9.02 4.48
CA THR A 29 -9.50 8.54 4.90
C THR A 29 -10.01 7.47 3.95
N GLY A 30 -10.36 6.30 4.50
CA GLY A 30 -10.86 5.20 3.68
C GLY A 30 -12.10 5.64 2.89
N GLY A 31 -12.22 5.13 1.67
CA GLY A 31 -13.36 5.48 0.82
C GLY A 31 -12.91 6.31 -0.37
N ASP A 32 -11.63 6.22 -0.70
CA ASP A 32 -11.09 6.97 -1.82
C ASP A 32 -10.33 6.05 -2.76
N GLU A 33 -9.76 6.62 -3.82
CA GLU A 33 -9.00 5.84 -4.79
C GLU A 33 -7.81 6.65 -5.30
N SER A 34 -8.06 7.89 -5.69
CA SER A 34 -6.99 8.75 -6.19
C SER A 34 -5.90 8.90 -5.13
N ARG A 35 -4.99 7.95 -5.13
CA ARG A 35 -3.89 7.94 -4.17
C ARG A 35 -3.18 6.60 -4.24
N ILE A 36 -3.97 5.56 -4.51
CA ILE A 36 -3.44 4.21 -4.63
C ILE A 36 -4.18 3.46 -5.73
N GLN A 37 -5.50 3.37 -5.59
CA GLN A 37 -6.30 2.68 -6.59
C GLN A 37 -5.97 1.18 -6.59
N GLU A 38 -4.68 0.86 -6.71
CA GLU A 38 -4.26 -0.53 -6.72
C GLU A 38 -2.84 -0.66 -6.20
N GLY A 39 -2.60 -1.73 -5.44
CA GLY A 39 -1.28 -1.97 -4.89
C GLY A 39 -1.07 -3.45 -4.63
N LYS A 40 0.19 -3.83 -4.40
CA LYS A 40 0.52 -5.23 -4.15
C LYS A 40 1.13 -5.39 -2.77
N PRO A 41 1.22 -6.61 -2.27
CA PRO A 41 1.79 -6.90 -0.94
C PRO A 41 3.25 -7.32 -1.03
N GLY A 42 3.92 -7.34 0.11
CA GLY A 42 5.32 -7.74 0.17
C GLY A 42 5.71 -8.14 1.58
N PHE A 43 6.68 -9.04 1.69
CA PHE A 43 7.14 -9.49 2.99
C PHE A 43 8.07 -8.46 3.62
N PHE A 44 7.72 -8.01 4.82
CA PHE A 44 8.53 -7.01 5.52
C PHE A 44 8.34 -5.64 4.90
N LYS A 45 7.44 -5.56 3.93
CA LYS A 45 7.17 -4.29 3.25
C LYS A 45 5.92 -4.38 2.38
N CYS A 46 5.54 -3.27 1.78
CA CYS A 46 4.36 -3.22 0.92
C CYS A 46 4.58 -2.23 -0.22
N THR A 47 4.12 -2.60 -1.42
CA THR A 47 4.27 -1.71 -2.57
C THR A 47 2.91 -1.34 -3.13
N CYS A 48 2.76 -0.11 -3.59
CA CYS A 48 1.49 0.34 -4.15
C CYS A 48 1.72 1.35 -5.25
N TYR A 49 0.74 1.46 -6.15
CA TYR A 49 0.84 2.40 -7.26
C TYR A 49 -0.49 3.14 -7.43
N PHE A 50 -0.43 4.41 -7.78
CA PHE A 50 -1.65 5.19 -7.97
C PHE A 50 -2.02 5.27 -9.44
N THR A 51 -3.01 4.49 -9.85
CA THR A 51 -3.44 4.48 -11.23
C THR A 51 -3.56 5.90 -11.77
N THR A 52 -2.57 6.31 -12.56
CA THR A 52 -2.56 7.65 -13.13
C THR A 52 -2.03 7.63 -14.56
N GLY A 53 -2.72 8.31 -15.45
CA GLY A 53 -2.30 8.35 -16.86
C GLY A 53 -1.30 9.48 -17.09
N GLU A 1 5.78 5.34 -15.33
CA GLU A 1 4.49 5.31 -16.09
C GLU A 1 3.33 5.33 -15.10
N VAL A 2 3.50 4.65 -13.97
CA VAL A 2 2.46 4.60 -12.96
C VAL A 2 3.04 4.87 -11.57
N ILE A 3 2.76 6.06 -11.05
CA ILE A 3 3.25 6.45 -9.74
C ILE A 3 3.51 5.23 -8.86
N LYS A 4 4.63 5.25 -8.14
CA LYS A 4 4.98 4.14 -7.27
C LYS A 4 4.78 4.53 -5.81
N LYS A 5 3.77 3.95 -5.19
CA LYS A 5 3.47 4.24 -3.79
C LYS A 5 3.72 3.01 -2.92
N ASP A 6 4.84 3.02 -2.19
CA ASP A 6 5.19 1.90 -1.33
C ASP A 6 5.50 2.37 0.08
N THR A 7 5.02 1.64 1.07
CA THR A 7 5.26 2.00 2.47
C THR A 7 5.93 0.84 3.21
N PRO A 8 6.46 1.09 4.38
CA PRO A 8 7.14 0.06 5.19
C PRO A 8 6.22 -0.55 6.25
N TYR A 9 6.32 -1.86 6.44
CA TYR A 9 5.49 -2.54 7.42
C TYR A 9 5.66 -4.07 7.29
N LYS A 10 4.99 -4.80 8.18
CA LYS A 10 5.05 -6.26 8.19
C LYS A 10 5.95 -6.74 9.33
N LYS A 11 6.89 -5.89 9.71
CA LYS A 11 7.81 -6.22 10.79
C LYS A 11 7.04 -6.53 12.07
N ARG A 12 5.71 -6.54 11.97
CA ARG A 12 4.85 -6.83 13.12
C ARG A 12 4.14 -8.16 12.93
N LYS A 13 3.47 -8.62 13.98
CA LYS A 13 2.74 -9.88 13.92
C LYS A 13 1.65 -9.82 12.86
N PHE A 14 1.15 -10.99 12.47
CA PHE A 14 0.10 -11.06 11.46
C PHE A 14 0.69 -10.92 10.05
N PRO A 15 0.31 -11.76 9.12
CA PRO A 15 0.81 -11.71 7.72
C PRO A 15 0.84 -10.29 7.16
N TYR A 16 1.01 -10.19 5.84
CA TYR A 16 1.06 -8.90 5.19
C TYR A 16 -0.12 -8.74 4.22
N LYS A 17 0.04 -9.29 3.02
CA LYS A 17 -1.02 -9.21 2.01
C LYS A 17 -1.83 -7.94 2.18
N SER A 18 -2.84 -8.00 3.03
CA SER A 18 -3.70 -6.83 3.27
C SER A 18 -3.16 -5.99 4.42
N GLU A 19 -2.65 -6.67 5.45
CA GLU A 19 -2.10 -5.98 6.60
C GLU A 19 -1.01 -5.00 6.19
N CYS A 20 -0.48 -5.19 4.98
CA CYS A 20 0.57 -4.32 4.46
C CYS A 20 -0.03 -3.22 3.60
N LEU A 21 -0.90 -3.63 2.69
CA LEU A 21 -1.55 -2.68 1.80
C LEU A 21 -2.52 -1.79 2.59
N LYS A 22 -3.07 -2.34 3.66
CA LYS A 22 -3.99 -1.59 4.50
C LYS A 22 -3.35 -0.27 4.94
N ALA A 23 -2.12 -0.36 5.41
CA ALA A 23 -1.40 0.83 5.85
C ALA A 23 -1.33 1.85 4.72
N CYS A 24 -1.05 1.36 3.51
CA CYS A 24 -0.97 2.23 2.34
C CYS A 24 -2.28 2.99 2.15
N ALA A 25 -3.38 2.25 2.04
CA ALA A 25 -4.69 2.87 1.86
C ALA A 25 -4.94 3.96 2.90
N THR A 26 -4.19 3.92 3.99
CA THR A 26 -4.35 4.91 5.04
C THR A 26 -3.41 6.09 4.81
N SER A 27 -2.43 5.89 3.92
CA SER A 27 -1.48 6.94 3.61
C SER A 27 -2.18 8.28 3.42
N PHE A 28 -3.35 8.23 2.77
CA PHE A 28 -4.12 9.46 2.53
C PHE A 28 -5.53 9.31 3.07
N THR A 29 -6.34 10.35 2.88
CA THR A 29 -7.72 10.34 3.36
C THR A 29 -8.51 11.48 2.73
N GLY A 30 -8.84 11.34 1.46
CA GLY A 30 -9.59 12.38 0.75
C GLY A 30 -10.61 11.75 -0.21
N GLY A 31 -10.11 11.25 -1.34
CA GLY A 31 -10.98 10.64 -2.33
C GLY A 31 -10.98 9.12 -2.20
N ASP A 32 -11.90 8.46 -2.90
CA ASP A 32 -11.99 7.01 -2.85
C ASP A 32 -11.08 6.38 -3.90
N GLU A 33 -10.17 5.51 -3.44
CA GLU A 33 -9.24 4.85 -4.34
C GLU A 33 -8.19 5.83 -4.84
N SER A 34 -8.62 7.04 -5.19
CA SER A 34 -7.70 8.07 -5.67
C SER A 34 -6.58 8.28 -4.66
N ARG A 35 -5.56 7.45 -4.76
CA ARG A 35 -4.42 7.55 -3.85
C ARG A 35 -3.60 6.26 -3.94
N ILE A 36 -4.30 5.16 -4.21
CA ILE A 36 -3.65 3.86 -4.34
C ILE A 36 -4.38 3.01 -5.36
N GLN A 37 -5.70 2.89 -5.19
CA GLN A 37 -6.50 2.09 -6.10
C GLN A 37 -6.13 0.61 -5.97
N GLU A 38 -4.87 0.29 -6.24
CA GLU A 38 -4.41 -1.09 -6.14
C GLU A 38 -2.95 -1.13 -5.69
N GLY A 39 -2.59 -2.19 -4.98
CA GLY A 39 -1.22 -2.32 -4.51
C GLY A 39 -0.89 -3.78 -4.22
N LYS A 40 0.41 -4.07 -4.11
CA LYS A 40 0.86 -5.43 -3.83
C LYS A 40 1.60 -5.47 -2.50
N PRO A 41 1.79 -6.63 -1.92
CA PRO A 41 2.49 -6.77 -0.62
C PRO A 41 3.97 -7.12 -0.78
N GLY A 42 4.71 -6.99 0.30
CA GLY A 42 6.14 -7.28 0.28
C GLY A 42 6.68 -7.40 1.71
N PHE A 43 6.94 -8.63 2.15
CA PHE A 43 7.45 -8.86 3.49
C PHE A 43 8.39 -7.73 3.91
N PHE A 44 8.02 -7.02 4.97
CA PHE A 44 8.85 -5.91 5.46
C PHE A 44 8.53 -4.62 4.71
N LYS A 45 7.30 -4.52 4.21
CA LYS A 45 6.86 -3.33 3.48
C LYS A 45 5.73 -3.68 2.52
N CYS A 46 5.28 -2.67 1.78
CA CYS A 46 4.21 -2.86 0.81
C CYS A 46 4.36 -1.89 -0.35
N THR A 47 4.29 -2.42 -1.57
CA THR A 47 4.43 -1.57 -2.75
C THR A 47 3.07 -1.34 -3.40
N CYS A 48 2.57 -0.12 -3.24
CA CYS A 48 1.27 0.24 -3.79
C CYS A 48 1.45 1.15 -5.01
N TYR A 49 0.48 1.10 -5.92
CA TYR A 49 0.52 1.94 -7.11
C TYR A 49 -0.80 2.66 -7.25
N PHE A 50 -0.75 3.97 -7.49
CA PHE A 50 -1.98 4.74 -7.62
C PHE A 50 -2.37 4.92 -9.08
N THR A 51 -3.35 4.15 -9.51
CA THR A 51 -3.83 4.22 -10.88
C THR A 51 -4.08 5.67 -11.28
N THR A 52 -3.42 6.12 -12.34
CA THR A 52 -3.59 7.49 -12.81
C THR A 52 -3.53 7.54 -14.33
N GLY A 53 -4.62 7.98 -14.94
CA GLY A 53 -4.70 8.08 -16.39
C GLY A 53 -6.12 7.87 -16.89
N GLU A 1 2.14 5.57 -17.68
CA GLU A 1 2.60 6.71 -16.85
C GLU A 1 1.99 6.59 -15.45
N VAL A 2 2.14 5.43 -14.84
CA VAL A 2 1.59 5.19 -13.51
C VAL A 2 2.53 5.74 -12.43
N ILE A 3 2.07 5.75 -11.19
CA ILE A 3 2.88 6.25 -10.09
C ILE A 3 3.24 5.11 -9.14
N LYS A 4 4.36 5.27 -8.43
CA LYS A 4 4.81 4.24 -7.49
C LYS A 4 4.64 4.69 -6.05
N LYS A 5 3.81 3.97 -5.30
CA LYS A 5 3.56 4.29 -3.89
C LYS A 5 3.81 3.06 -3.03
N ASP A 6 4.93 3.06 -2.32
CA ASP A 6 5.27 1.92 -1.46
C ASP A 6 5.44 2.37 -0.01
N THR A 7 4.89 1.58 0.91
CA THR A 7 5.00 1.88 2.33
C THR A 7 5.78 0.79 3.06
N PRO A 8 6.21 1.03 4.28
CA PRO A 8 6.97 0.04 5.08
C PRO A 8 6.07 -0.75 6.02
N TYR A 9 6.49 -1.97 6.37
CA TYR A 9 5.70 -2.81 7.25
C TYR A 9 6.53 -3.98 7.77
N LYS A 10 7.48 -3.67 8.65
CA LYS A 10 8.36 -4.69 9.21
C LYS A 10 7.69 -6.07 9.18
N LYS A 11 6.85 -6.35 10.16
CA LYS A 11 6.16 -7.64 10.21
C LYS A 11 5.25 -7.71 11.43
N ARG A 12 4.66 -6.57 11.78
CA ARG A 12 3.77 -6.50 12.93
C ARG A 12 3.21 -7.86 13.28
N LYS A 13 3.05 -8.12 14.58
CA LYS A 13 2.51 -9.39 15.03
C LYS A 13 1.42 -9.89 14.09
N PHE A 14 1.39 -11.20 13.86
CA PHE A 14 0.39 -11.78 12.96
C PHE A 14 0.58 -11.27 11.55
N PRO A 15 1.76 -11.45 10.99
CA PRO A 15 2.08 -11.00 9.61
C PRO A 15 0.95 -11.28 8.64
N TYR A 16 0.63 -10.30 7.79
CA TYR A 16 -0.44 -10.46 6.82
C TYR A 16 -0.28 -9.44 5.69
N LYS A 17 0.43 -9.85 4.63
CA LYS A 17 0.65 -8.97 3.49
C LYS A 17 -0.44 -7.92 3.37
N SER A 18 -1.68 -8.31 3.65
CA SER A 18 -2.80 -7.38 3.57
C SER A 18 -2.68 -6.28 4.62
N GLU A 19 -2.42 -6.69 5.86
CA GLU A 19 -2.28 -5.73 6.95
C GLU A 19 -1.35 -4.61 6.56
N CYS A 20 -0.52 -4.85 5.54
CA CYS A 20 0.42 -3.84 5.08
C CYS A 20 -0.21 -2.99 3.97
N LEU A 21 -0.80 -3.66 2.98
CA LEU A 21 -1.42 -2.94 1.88
C LEU A 21 -2.34 -1.86 2.41
N LYS A 22 -3.03 -2.15 3.52
CA LYS A 22 -3.93 -1.19 4.12
C LYS A 22 -3.16 0.06 4.55
N ALA A 23 -2.04 -0.15 5.23
CA ALA A 23 -1.22 0.96 5.67
C ALA A 23 -0.97 1.93 4.52
N CYS A 24 -1.05 1.42 3.30
CA CYS A 24 -0.84 2.25 2.12
C CYS A 24 -2.12 2.99 1.75
N ALA A 25 -3.25 2.29 1.82
CA ALA A 25 -4.53 2.89 1.50
C ALA A 25 -4.96 3.87 2.57
N THR A 26 -4.55 3.61 3.81
CA THR A 26 -4.90 4.49 4.92
C THR A 26 -3.97 5.70 4.95
N SER A 27 -2.87 5.63 4.21
CA SER A 27 -1.91 6.74 4.16
C SER A 27 -2.64 8.07 4.20
N PHE A 28 -3.88 8.08 3.73
CA PHE A 28 -4.67 9.31 3.71
C PHE A 28 -5.47 9.46 5.00
N THR A 29 -5.86 8.33 5.58
CA THR A 29 -6.64 8.35 6.82
C THR A 29 -8.07 8.81 6.55
N GLY A 30 -8.94 7.85 6.25
CA GLY A 30 -10.33 8.17 5.96
C GLY A 30 -10.76 7.62 4.62
N GLY A 31 -12.03 7.24 4.50
CA GLY A 31 -12.54 6.69 3.25
C GLY A 31 -11.96 7.43 2.06
N ASP A 32 -10.93 6.85 1.44
CA ASP A 32 -10.30 7.47 0.28
C ASP A 32 -9.49 6.44 -0.50
N GLU A 33 -9.54 6.54 -1.82
CA GLU A 33 -8.80 5.61 -2.68
C GLU A 33 -7.78 6.36 -3.52
N SER A 34 -8.21 7.47 -4.11
CA SER A 34 -7.30 8.26 -4.95
C SER A 34 -5.96 8.43 -4.27
N ARG A 35 -5.05 7.51 -4.56
CA ARG A 35 -3.72 7.53 -3.98
C ARG A 35 -3.11 6.13 -4.04
N ILE A 36 -3.98 5.13 -4.20
CA ILE A 36 -3.53 3.75 -4.28
C ILE A 36 -4.42 2.97 -5.23
N GLN A 37 -5.69 2.79 -4.85
CA GLN A 37 -6.64 2.05 -5.66
C GLN A 37 -6.19 0.59 -5.79
N GLU A 38 -4.87 0.38 -5.83
CA GLU A 38 -4.33 -0.97 -5.95
C GLU A 38 -2.87 -0.97 -5.56
N GLY A 39 -2.42 -2.06 -4.95
CA GLY A 39 -1.03 -2.17 -4.54
C GLY A 39 -0.63 -3.61 -4.26
N LYS A 40 0.68 -3.87 -4.33
CA LYS A 40 1.20 -5.20 -4.06
C LYS A 40 1.85 -5.23 -2.68
N PRO A 41 1.54 -6.21 -1.86
CA PRO A 41 2.12 -6.31 -0.50
C PRO A 41 3.34 -7.23 -0.45
N GLY A 42 4.10 -7.09 0.62
CA GLY A 42 5.30 -7.90 0.82
C GLY A 42 5.74 -7.88 2.28
N PHE A 43 6.58 -8.83 2.67
CA PHE A 43 7.07 -8.90 4.04
C PHE A 43 8.10 -7.80 4.30
N PHE A 44 7.96 -7.09 5.41
CA PHE A 44 8.89 -6.03 5.75
C PHE A 44 9.00 -5.03 4.61
N LYS A 45 8.02 -5.07 3.72
CA LYS A 45 8.01 -4.16 2.58
C LYS A 45 6.73 -4.34 1.77
N CYS A 46 6.30 -3.26 1.12
CA CYS A 46 5.09 -3.30 0.31
C CYS A 46 5.11 -2.21 -0.74
N THR A 47 4.76 -2.58 -1.96
CA THR A 47 4.74 -1.61 -3.05
C THR A 47 3.32 -1.35 -3.52
N CYS A 48 2.89 -0.10 -3.39
CA CYS A 48 1.54 0.28 -3.81
C CYS A 48 1.60 1.26 -4.97
N TYR A 49 0.51 1.32 -5.74
CA TYR A 49 0.46 2.22 -6.89
C TYR A 49 -0.87 2.98 -6.87
N PHE A 50 -0.88 4.15 -7.49
CA PHE A 50 -2.11 4.95 -7.54
C PHE A 50 -2.71 4.92 -8.94
N THR A 51 -3.71 4.07 -9.13
CA THR A 51 -4.36 3.95 -10.43
C THR A 51 -4.54 5.33 -11.07
N THR A 52 -3.69 5.63 -12.04
CA THR A 52 -3.75 6.91 -12.73
C THR A 52 -3.65 6.72 -14.24
N GLY A 53 -4.55 7.35 -14.97
CA GLY A 53 -4.56 7.25 -16.42
C GLY A 53 -5.35 8.39 -17.05
N GLU A 1 4.62 7.98 -13.44
CA GLU A 1 3.50 8.19 -14.39
C GLU A 1 2.27 7.46 -13.88
N VAL A 2 2.48 6.58 -12.91
CA VAL A 2 1.37 5.81 -12.34
C VAL A 2 1.38 5.91 -10.82
N ILE A 3 1.85 7.05 -10.31
CA ILE A 3 1.91 7.25 -8.86
C ILE A 3 2.67 6.10 -8.19
N LYS A 4 3.11 6.32 -6.96
CA LYS A 4 3.85 5.31 -6.22
C LYS A 4 3.62 5.43 -4.72
N LYS A 5 2.93 4.46 -4.15
CA LYS A 5 2.66 4.45 -2.71
C LYS A 5 3.14 3.16 -2.08
N ASP A 6 4.26 3.23 -1.37
CA ASP A 6 4.83 2.05 -0.73
C ASP A 6 4.98 2.24 0.78
N THR A 7 4.63 1.20 1.53
CA THR A 7 4.74 1.25 2.99
C THR A 7 5.69 0.16 3.48
N PRO A 8 6.13 0.21 4.71
CA PRO A 8 7.04 -0.79 5.29
C PRO A 8 6.29 -1.87 6.07
N TYR A 9 6.87 -3.07 6.15
CA TYR A 9 6.24 -4.16 6.87
C TYR A 9 7.26 -4.88 7.75
N LYS A 10 6.89 -6.07 8.23
CA LYS A 10 7.77 -6.83 9.09
C LYS A 10 8.17 -5.98 10.30
N LYS A 11 7.65 -4.77 10.33
CA LYS A 11 7.94 -3.85 11.42
C LYS A 11 6.77 -3.81 12.40
N ARG A 12 5.60 -4.20 11.92
CA ARG A 12 4.40 -4.20 12.75
C ARG A 12 3.98 -5.64 13.07
N LYS A 13 3.19 -5.79 14.12
CA LYS A 13 2.71 -7.12 14.51
C LYS A 13 1.71 -7.67 13.51
N PHE A 14 1.11 -8.80 13.83
CA PHE A 14 0.13 -9.42 12.95
C PHE A 14 0.70 -9.56 11.54
N PRO A 15 1.70 -10.37 11.38
CA PRO A 15 2.35 -10.60 10.05
C PRO A 15 1.34 -11.02 8.98
N TYR A 16 1.09 -10.11 8.04
CA TYR A 16 0.15 -10.40 6.96
C TYR A 16 0.21 -9.31 5.89
N LYS A 17 0.55 -9.70 4.67
CA LYS A 17 0.65 -8.76 3.57
C LYS A 17 -0.59 -7.87 3.52
N SER A 18 -1.72 -8.40 3.97
CA SER A 18 -2.97 -7.64 3.97
C SER A 18 -2.81 -6.38 4.82
N GLU A 19 -2.49 -6.58 6.10
CA GLU A 19 -2.30 -5.46 7.01
C GLU A 19 -1.30 -4.47 6.43
N CYS A 20 -0.57 -4.93 5.42
CA CYS A 20 0.43 -4.11 4.77
C CYS A 20 -0.21 -3.23 3.70
N LEU A 21 -1.04 -3.83 2.86
CA LEU A 21 -1.72 -3.10 1.82
C LEU A 21 -2.71 -2.10 2.41
N LYS A 22 -3.00 -2.28 3.69
CA LYS A 22 -3.93 -1.39 4.38
C LYS A 22 -3.28 -0.04 4.64
N ALA A 23 -1.99 -0.07 5.02
CA ALA A 23 -1.26 1.16 5.28
C ALA A 23 -1.21 2.04 4.05
N CYS A 24 -0.91 1.44 2.90
CA CYS A 24 -0.84 2.19 1.65
C CYS A 24 -2.02 3.15 1.53
N ALA A 25 -3.22 2.66 1.82
CA ALA A 25 -4.41 3.49 1.73
C ALA A 25 -4.38 4.58 2.79
N THR A 26 -3.63 4.34 3.85
CA THR A 26 -3.51 5.31 4.94
C THR A 26 -2.58 6.45 4.53
N SER A 27 -1.81 6.23 3.47
CA SER A 27 -0.89 7.24 2.98
C SER A 27 -1.51 8.63 3.06
N PHE A 28 -2.83 8.68 3.20
CA PHE A 28 -3.53 9.96 3.28
C PHE A 28 -5.02 9.75 3.47
N THR A 29 -5.64 10.64 4.26
CA THR A 29 -7.07 10.55 4.51
C THR A 29 -7.55 9.10 4.43
N GLY A 30 -7.94 8.67 3.23
CA GLY A 30 -8.42 7.31 3.03
C GLY A 30 -9.52 7.28 1.98
N GLY A 31 -9.73 6.10 1.39
CA GLY A 31 -10.76 5.95 0.37
C GLY A 31 -11.07 4.47 0.12
N ASP A 32 -11.11 4.09 -1.15
CA ASP A 32 -11.39 2.71 -1.52
C ASP A 32 -10.66 2.34 -2.80
N GLU A 33 -10.69 3.23 -3.78
CA GLU A 33 -10.04 2.99 -5.05
C GLU A 33 -9.20 4.19 -5.47
N SER A 34 -9.78 5.37 -5.39
CA SER A 34 -9.07 6.60 -5.76
C SER A 34 -8.00 6.94 -4.72
N ARG A 35 -6.79 6.42 -4.96
CA ARG A 35 -5.66 6.65 -4.06
C ARG A 35 -4.69 5.48 -4.15
N ILE A 36 -5.25 4.30 -4.47
CA ILE A 36 -4.44 3.10 -4.59
C ILE A 36 -4.99 2.20 -5.69
N GLN A 37 -6.25 1.81 -5.56
CA GLN A 37 -6.88 0.94 -6.53
C GLN A 37 -6.22 -0.44 -6.55
N GLU A 38 -4.89 -0.47 -6.64
CA GLU A 38 -4.18 -1.74 -6.67
C GLU A 38 -2.75 -1.56 -6.17
N GLY A 39 -2.21 -2.61 -5.56
CA GLY A 39 -0.86 -2.55 -5.04
C GLY A 39 -0.31 -3.95 -4.75
N LYS A 40 1.01 -4.02 -4.58
CA LYS A 40 1.68 -5.29 -4.30
C LYS A 40 2.38 -5.22 -2.94
N PRO A 41 1.91 -5.96 -1.96
CA PRO A 41 2.52 -5.97 -0.61
C PRO A 41 3.51 -7.11 -0.44
N GLY A 42 4.31 -7.01 0.61
CA GLY A 42 5.33 -8.03 0.91
C GLY A 42 5.86 -7.88 2.33
N PHE A 43 6.55 -8.90 2.81
CA PHE A 43 7.11 -8.85 4.16
C PHE A 43 8.29 -7.89 4.21
N PHE A 44 8.31 -7.03 5.23
CA PHE A 44 9.40 -6.07 5.38
C PHE A 44 9.46 -5.11 4.20
N LYS A 45 8.29 -4.73 3.70
CA LYS A 45 8.18 -3.80 2.57
C LYS A 45 6.84 -3.98 1.87
N CYS A 46 6.43 -2.94 1.16
CA CYS A 46 5.17 -2.99 0.42
C CYS A 46 5.09 -1.84 -0.57
N THR A 47 4.84 -2.18 -1.83
CA THR A 47 4.73 -1.16 -2.88
C THR A 47 3.35 -1.19 -3.52
N CYS A 48 2.71 -0.03 -3.58
CA CYS A 48 1.38 0.08 -4.17
C CYS A 48 1.36 1.15 -5.25
N TYR A 49 0.32 1.15 -6.07
CA TYR A 49 0.20 2.13 -7.14
C TYR A 49 -1.23 2.61 -7.25
N PHE A 50 -1.41 3.89 -7.56
CA PHE A 50 -2.75 4.45 -7.68
C PHE A 50 -3.16 4.54 -9.15
N THR A 51 -3.95 3.56 -9.58
CA THR A 51 -4.42 3.51 -10.96
C THR A 51 -5.17 4.79 -11.31
N THR A 52 -4.42 5.85 -11.58
CA THR A 52 -5.02 7.12 -11.94
C THR A 52 -4.62 7.51 -13.34
N GLY A 53 -4.25 8.77 -13.52
CA GLY A 53 -3.84 9.28 -14.82
C GLY A 53 -2.44 8.79 -15.17
N GLU A 1 5.35 2.36 -15.11
CA GLU A 1 5.37 3.77 -14.59
C GLU A 1 4.31 3.92 -13.51
N VAL A 2 3.45 4.91 -13.67
CA VAL A 2 2.39 5.16 -12.69
C VAL A 2 2.98 5.36 -11.30
N ILE A 3 2.89 6.59 -10.79
CA ILE A 3 3.41 6.90 -9.47
C ILE A 3 3.19 5.71 -8.53
N LYS A 4 4.26 5.29 -7.85
CA LYS A 4 4.17 4.17 -6.94
C LYS A 4 4.42 4.61 -5.50
N LYS A 5 3.55 4.18 -4.58
CA LYS A 5 3.69 4.53 -3.18
C LYS A 5 3.84 3.28 -2.33
N ASP A 6 5.07 3.01 -1.89
CA ASP A 6 5.32 1.83 -1.07
C ASP A 6 5.52 2.21 0.39
N THR A 7 4.91 1.43 1.28
CA THR A 7 5.04 1.70 2.72
C THR A 7 6.00 0.70 3.35
N PRO A 8 6.42 0.94 4.56
CA PRO A 8 7.36 0.04 5.28
C PRO A 8 6.63 -0.93 6.19
N TYR A 9 6.90 -2.21 6.01
CA TYR A 9 6.26 -3.25 6.82
C TYR A 9 7.10 -3.59 8.03
N LYS A 10 8.35 -3.98 7.80
CA LYS A 10 9.23 -4.35 8.90
C LYS A 10 8.59 -5.46 9.71
N LYS A 11 7.57 -5.09 10.48
CA LYS A 11 6.83 -6.04 11.30
C LYS A 11 7.59 -7.36 11.42
N ARG A 12 7.23 -8.31 10.56
CA ARG A 12 7.88 -9.61 10.58
C ARG A 12 7.55 -10.40 9.31
N LYS A 13 7.95 -11.66 9.28
CA LYS A 13 7.69 -12.50 8.12
C LYS A 13 6.20 -12.79 8.01
N PHE A 14 5.86 -13.90 7.34
CA PHE A 14 4.46 -14.27 7.16
C PHE A 14 3.66 -13.11 6.61
N PRO A 15 3.83 -12.82 5.34
CA PRO A 15 3.12 -11.70 4.66
C PRO A 15 1.61 -11.76 4.91
N TYR A 16 1.05 -10.65 5.39
CA TYR A 16 -0.38 -10.57 5.66
C TYR A 16 -1.11 -9.93 4.48
N LYS A 17 -0.34 -9.40 3.54
CA LYS A 17 -0.90 -8.75 2.36
C LYS A 17 -1.72 -7.52 2.74
N SER A 18 -2.74 -7.70 3.56
CA SER A 18 -3.59 -6.59 3.99
C SER A 18 -2.89 -5.74 5.05
N GLU A 19 -2.62 -6.34 6.20
CA GLU A 19 -1.95 -5.64 7.29
C GLU A 19 -0.94 -4.64 6.73
N CYS A 20 -0.38 -4.97 5.56
CA CYS A 20 0.61 -4.11 4.92
C CYS A 20 -0.07 -3.12 3.98
N LEU A 21 -0.93 -3.64 3.13
CA LEU A 21 -1.64 -2.78 2.16
C LEU A 21 -2.51 -1.78 2.90
N LYS A 22 -2.97 -2.15 4.09
CA LYS A 22 -3.81 -1.27 4.90
C LYS A 22 -3.13 0.07 5.09
N ALA A 23 -1.85 0.04 5.47
CA ALA A 23 -1.10 1.27 5.69
C ALA A 23 -1.09 2.11 4.42
N CYS A 24 -0.85 1.47 3.29
CA CYS A 24 -0.82 2.17 2.01
C CYS A 24 -2.17 2.82 1.71
N ALA A 25 -3.24 2.08 1.97
CA ALA A 25 -4.59 2.59 1.72
C ALA A 25 -4.97 3.65 2.75
N THR A 26 -4.32 3.61 3.91
CA THR A 26 -4.59 4.57 4.97
C THR A 26 -3.86 5.88 4.71
N SER A 27 -2.89 5.84 3.79
CA SER A 27 -2.13 7.04 3.46
C SER A 27 -3.02 8.28 3.53
N PHE A 28 -4.25 8.13 3.06
CA PHE A 28 -5.20 9.24 3.05
C PHE A 28 -6.52 8.82 3.70
N THR A 29 -7.24 9.79 4.25
CA THR A 29 -8.52 9.50 4.90
C THR A 29 -9.67 10.08 4.09
N GLY A 30 -10.56 9.20 3.62
CA GLY A 30 -11.70 9.63 2.82
C GLY A 30 -11.42 9.51 1.34
N GLY A 31 -10.22 9.01 1.00
CA GLY A 31 -9.84 8.84 -0.39
C GLY A 31 -9.86 7.38 -0.79
N ASP A 32 -9.28 6.53 0.06
CA ASP A 32 -9.24 5.10 -0.22
C ASP A 32 -8.46 4.83 -1.51
N GLU A 33 -9.08 4.07 -2.42
CA GLU A 33 -8.44 3.75 -3.69
C GLU A 33 -7.52 4.87 -4.12
N SER A 34 -8.00 6.11 -4.00
CA SER A 34 -7.20 7.26 -4.39
C SER A 34 -5.76 7.12 -3.91
N ARG A 35 -4.82 7.38 -4.81
CA ARG A 35 -3.40 7.28 -4.50
C ARG A 35 -2.95 5.83 -4.48
N ILE A 36 -3.90 4.92 -4.64
CA ILE A 36 -3.59 3.50 -4.65
C ILE A 36 -4.51 2.75 -5.61
N GLN A 37 -5.75 2.54 -5.18
CA GLN A 37 -6.71 1.82 -6.02
C GLN A 37 -6.26 0.38 -6.18
N GLU A 38 -4.94 0.19 -6.30
CA GLU A 38 -4.37 -1.14 -6.46
C GLU A 38 -2.89 -1.11 -6.08
N GLY A 39 -2.47 -2.15 -5.38
CA GLY A 39 -1.08 -2.26 -4.96
C GLY A 39 -0.70 -3.71 -4.70
N LYS A 40 0.61 -3.96 -4.64
CA LYS A 40 1.09 -5.31 -4.39
C LYS A 40 1.72 -5.39 -3.00
N PRO A 41 1.65 -6.52 -2.33
CA PRO A 41 2.23 -6.68 -0.98
C PRO A 41 3.63 -7.30 -1.01
N GLY A 42 4.34 -7.15 0.09
CA GLY A 42 5.68 -7.68 0.21
C GLY A 42 6.06 -7.86 1.67
N PHE A 43 7.05 -8.71 1.94
CA PHE A 43 7.50 -8.94 3.30
C PHE A 43 8.46 -7.84 3.74
N PHE A 44 8.28 -7.34 4.95
CA PHE A 44 9.15 -6.29 5.46
C PHE A 44 9.01 -5.04 4.59
N LYS A 45 8.07 -5.09 3.66
CA LYS A 45 7.83 -3.97 2.76
C LYS A 45 6.69 -4.27 1.80
N CYS A 46 6.14 -3.23 1.19
CA CYS A 46 5.03 -3.40 0.25
C CYS A 46 4.93 -2.20 -0.68
N THR A 47 4.75 -2.47 -1.96
CA THR A 47 4.64 -1.40 -2.95
C THR A 47 3.22 -1.29 -3.49
N CYS A 48 2.75 -0.05 -3.65
CA CYS A 48 1.41 0.20 -4.16
C CYS A 48 1.47 1.15 -5.35
N TYR A 49 0.42 1.16 -6.16
CA TYR A 49 0.38 2.05 -7.32
C TYR A 49 -0.89 2.87 -7.30
N PHE A 50 -0.81 4.11 -7.77
CA PHE A 50 -1.97 5.00 -7.80
C PHE A 50 -2.57 5.03 -9.20
N THR A 51 -3.63 4.27 -9.40
CA THR A 51 -4.29 4.21 -10.71
C THR A 51 -4.58 5.62 -11.22
N THR A 52 -3.76 6.08 -12.15
CA THR A 52 -3.93 7.41 -12.72
C THR A 52 -3.06 7.59 -13.96
N GLY A 53 -3.69 7.51 -15.13
CA GLY A 53 -2.96 7.66 -16.38
C GLY A 53 -2.92 9.11 -16.82
N GLU A 1 4.84 4.30 -16.73
CA GLU A 1 4.28 5.65 -16.42
C GLU A 1 3.18 5.52 -15.38
N VAL A 2 3.56 5.50 -14.11
CA VAL A 2 2.58 5.38 -13.03
C VAL A 2 3.23 5.70 -11.70
N ILE A 3 2.49 6.39 -10.84
CA ILE A 3 2.99 6.76 -9.53
C ILE A 3 3.08 5.53 -8.62
N LYS A 4 4.19 5.40 -7.92
CA LYS A 4 4.40 4.27 -7.02
C LYS A 4 4.62 4.75 -5.60
N LYS A 5 3.68 4.43 -4.71
CA LYS A 5 3.80 4.83 -3.32
C LYS A 5 3.78 3.61 -2.40
N ASP A 6 4.96 3.25 -1.90
CA ASP A 6 5.09 2.10 -1.01
C ASP A 6 5.41 2.56 0.40
N THR A 7 4.79 1.94 1.39
CA THR A 7 5.05 2.31 2.78
C THR A 7 5.79 1.20 3.51
N PRO A 8 6.36 1.49 4.65
CA PRO A 8 7.11 0.49 5.46
C PRO A 8 6.23 -0.11 6.57
N TYR A 9 6.21 -1.43 6.66
CA TYR A 9 5.40 -2.10 7.67
C TYR A 9 5.45 -3.61 7.49
N LYS A 10 4.92 -4.34 8.48
CA LYS A 10 4.89 -5.80 8.43
C LYS A 10 6.11 -6.37 9.14
N LYS A 11 6.57 -5.68 10.17
CA LYS A 11 7.72 -6.12 10.92
C LYS A 11 7.30 -6.84 12.20
N ARG A 12 6.02 -7.19 12.26
CA ARG A 12 5.48 -7.88 13.43
C ARG A 12 5.77 -9.38 13.33
N LYS A 13 4.72 -10.19 13.51
CA LYS A 13 4.87 -11.63 13.44
C LYS A 13 3.98 -12.21 12.36
N PHE A 14 4.55 -13.07 11.53
CA PHE A 14 3.79 -13.70 10.45
C PHE A 14 3.26 -12.63 9.49
N PRO A 15 3.46 -12.80 8.20
CA PRO A 15 2.97 -11.83 7.18
C PRO A 15 1.48 -11.94 6.94
N TYR A 16 0.87 -10.85 6.49
CA TYR A 16 -0.56 -10.84 6.22
C TYR A 16 -0.86 -10.24 4.85
N LYS A 17 0.18 -9.75 4.19
CA LYS A 17 0.02 -9.15 2.87
C LYS A 17 -0.92 -7.94 2.95
N SER A 18 -2.19 -8.20 3.24
CA SER A 18 -3.17 -7.13 3.35
C SER A 18 -2.79 -6.16 4.46
N GLU A 19 -2.53 -6.70 5.64
CA GLU A 19 -2.15 -5.87 6.78
C GLU A 19 -1.16 -4.79 6.35
N CYS A 20 -0.39 -5.08 5.31
CA CYS A 20 0.58 -4.12 4.80
C CYS A 20 -0.05 -3.24 3.74
N LEU A 21 -0.73 -3.87 2.79
CA LEU A 21 -1.39 -3.13 1.72
C LEU A 21 -2.48 -2.23 2.30
N LYS A 22 -2.92 -2.55 3.52
CA LYS A 22 -3.96 -1.76 4.17
C LYS A 22 -3.38 -0.41 4.60
N ALA A 23 -2.15 -0.45 5.10
CA ALA A 23 -1.49 0.77 5.54
C ALA A 23 -1.31 1.71 4.36
N CYS A 24 -1.33 1.15 3.16
CA CYS A 24 -1.19 1.94 1.94
C CYS A 24 -2.37 2.89 1.79
N ALA A 25 -3.57 2.35 1.92
CA ALA A 25 -4.76 3.18 1.79
C ALA A 25 -4.70 4.34 2.76
N THR A 26 -4.01 4.12 3.88
CA THR A 26 -3.87 5.16 4.89
C THR A 26 -2.56 5.93 4.73
N SER A 27 -1.60 5.36 4.00
CA SER A 27 -0.32 6.02 3.80
C SER A 27 -0.53 7.49 3.45
N PHE A 28 -1.43 7.75 2.51
CA PHE A 28 -1.71 9.12 2.10
C PHE A 28 -2.53 9.84 3.16
N THR A 29 -3.63 9.23 3.56
CA THR A 29 -4.51 9.81 4.58
C THR A 29 -5.55 8.80 5.05
N GLY A 30 -6.62 8.67 4.29
CA GLY A 30 -7.68 7.73 4.62
C GLY A 30 -8.84 7.84 3.64
N GLY A 31 -9.09 6.76 2.91
CA GLY A 31 -10.18 6.74 1.94
C GLY A 31 -10.40 5.33 1.40
N ASP A 32 -10.30 5.18 0.08
CA ASP A 32 -10.50 3.87 -0.55
C ASP A 32 -10.14 3.94 -2.03
N GLU A 33 -9.41 2.93 -2.50
CA GLU A 33 -9.00 2.87 -3.90
C GLU A 33 -8.18 4.10 -4.27
N SER A 34 -8.86 5.20 -4.59
CA SER A 34 -8.17 6.42 -4.95
C SER A 34 -6.81 6.49 -4.28
N ARG A 35 -5.79 6.88 -5.05
CA ARG A 35 -4.43 6.96 -4.54
C ARG A 35 -3.80 5.58 -4.51
N ILE A 36 -4.61 4.56 -4.75
CA ILE A 36 -4.11 3.19 -4.77
C ILE A 36 -4.85 2.38 -5.83
N GLN A 37 -6.08 2.00 -5.54
CA GLN A 37 -6.87 1.22 -6.48
C GLN A 37 -6.26 -0.18 -6.65
N GLU A 38 -4.95 -0.24 -6.82
CA GLU A 38 -4.26 -1.52 -6.98
C GLU A 38 -2.89 -1.48 -6.32
N GLY A 39 -2.55 -2.53 -5.60
CA GLY A 39 -1.27 -2.59 -4.93
C GLY A 39 -0.85 -4.02 -4.60
N LYS A 40 0.44 -4.21 -4.41
CA LYS A 40 0.97 -5.54 -4.08
C LYS A 40 1.50 -5.56 -2.65
N PRO A 41 1.75 -6.72 -2.10
CA PRO A 41 2.26 -6.87 -0.71
C PRO A 41 3.77 -7.05 -0.67
N GLY A 42 4.34 -6.90 0.52
CA GLY A 42 5.78 -7.06 0.69
C GLY A 42 6.13 -7.31 2.15
N PHE A 43 7.15 -8.14 2.37
CA PHE A 43 7.57 -8.45 3.73
C PHE A 43 8.34 -7.28 4.33
N PHE A 44 7.77 -6.67 5.36
CA PHE A 44 8.42 -5.53 6.01
C PHE A 44 8.16 -4.26 5.20
N LYS A 45 7.01 -4.22 4.52
CA LYS A 45 6.65 -3.07 3.71
C LYS A 45 5.57 -3.47 2.69
N CYS A 46 5.02 -2.48 2.01
CA CYS A 46 3.99 -2.75 1.01
C CYS A 46 4.12 -1.78 -0.16
N THR A 47 4.13 -2.33 -1.38
CA THR A 47 4.25 -1.50 -2.57
C THR A 47 2.89 -1.38 -3.26
N CYS A 48 2.43 -0.15 -3.42
CA CYS A 48 1.14 0.08 -4.06
C CYS A 48 1.26 1.14 -5.15
N TYR A 49 0.25 1.19 -6.01
CA TYR A 49 0.23 2.16 -7.10
C TYR A 49 -1.11 2.87 -7.18
N PHE A 50 -1.11 4.12 -7.64
CA PHE A 50 -2.36 4.86 -7.77
C PHE A 50 -2.81 4.88 -9.22
N THR A 51 -3.76 4.02 -9.55
CA THR A 51 -4.27 3.94 -10.91
C THR A 51 -4.20 5.32 -11.58
N THR A 52 -3.10 5.55 -12.31
CA THR A 52 -2.91 6.82 -12.99
C THR A 52 -2.43 6.60 -14.43
N GLY A 53 -3.24 7.00 -15.39
CA GLY A 53 -2.89 6.85 -16.79
C GLY A 53 -3.01 5.40 -17.23
N GLU A 1 4.65 5.90 -16.63
CA GLU A 1 4.89 5.89 -15.16
C GLU A 1 3.56 6.06 -14.43
N VAL A 2 2.95 4.94 -14.06
CA VAL A 2 1.69 4.97 -13.35
C VAL A 2 1.90 5.27 -11.86
N ILE A 3 2.89 6.11 -11.57
CA ILE A 3 3.19 6.47 -10.20
C ILE A 3 3.50 5.22 -9.38
N LYS A 4 4.44 5.34 -8.44
CA LYS A 4 4.82 4.21 -7.60
C LYS A 4 4.70 4.56 -6.12
N LYS A 5 4.04 3.70 -5.36
CA LYS A 5 3.86 3.93 -3.93
C LYS A 5 4.49 2.80 -3.13
N ASP A 6 5.29 3.15 -2.12
CA ASP A 6 5.94 2.16 -1.28
C ASP A 6 5.88 2.55 0.18
N THR A 7 5.26 1.69 1.00
CA THR A 7 5.13 1.96 2.43
C THR A 7 5.95 0.92 3.21
N PRO A 8 6.19 1.16 4.48
CA PRO A 8 6.96 0.24 5.35
C PRO A 8 6.06 -0.68 6.17
N TYR A 9 6.63 -1.78 6.66
CA TYR A 9 5.87 -2.73 7.46
C TYR A 9 6.76 -3.91 7.87
N LYS A 10 7.56 -3.70 8.91
CA LYS A 10 8.46 -4.76 9.38
C LYS A 10 7.68 -5.81 10.17
N LYS A 11 7.15 -6.79 9.45
CA LYS A 11 6.39 -7.87 10.07
C LYS A 11 5.88 -7.46 11.45
N ARG A 12 4.71 -6.83 11.49
CA ARG A 12 4.14 -6.40 12.75
C ARG A 12 4.04 -7.57 13.72
N LYS A 13 3.35 -8.63 13.29
CA LYS A 13 3.19 -9.82 14.12
C LYS A 13 3.25 -11.07 13.27
N PHE A 14 2.08 -11.54 12.83
CA PHE A 14 2.01 -12.73 12.00
C PHE A 14 1.80 -12.34 10.54
N PRO A 15 0.88 -11.46 10.29
CA PRO A 15 0.57 -10.97 8.91
C PRO A 15 1.79 -10.34 8.24
N TYR A 16 1.83 -10.40 6.91
CA TYR A 16 2.94 -9.83 6.16
C TYR A 16 2.48 -9.42 4.77
N LYS A 17 1.33 -8.77 4.70
CA LYS A 17 0.79 -8.34 3.41
C LYS A 17 -0.43 -7.44 3.62
N SER A 18 -1.61 -8.06 3.63
CA SER A 18 -2.86 -7.33 3.81
C SER A 18 -2.73 -6.28 4.91
N GLU A 19 -1.75 -6.46 5.79
CA GLU A 19 -1.55 -5.52 6.89
C GLU A 19 -0.62 -4.39 6.48
N CYS A 20 0.25 -4.65 5.51
CA CYS A 20 1.18 -3.63 5.04
C CYS A 20 0.52 -2.78 3.97
N LEU A 21 -0.15 -3.43 3.02
CA LEU A 21 -0.82 -2.71 1.94
C LEU A 21 -1.90 -1.80 2.52
N LYS A 22 -2.60 -2.29 3.54
CA LYS A 22 -3.66 -1.51 4.18
C LYS A 22 -3.11 -0.13 4.58
N ALA A 23 -2.01 -0.15 5.33
CA ALA A 23 -1.39 1.10 5.77
C ALA A 23 -1.32 2.08 4.62
N CYS A 24 -1.11 1.55 3.42
CA CYS A 24 -1.01 2.39 2.23
C CYS A 24 -2.38 2.96 1.87
N ALA A 25 -3.43 2.18 2.10
CA ALA A 25 -4.79 2.62 1.81
C ALA A 25 -5.30 3.54 2.91
N THR A 26 -4.66 3.49 4.07
CA THR A 26 -5.06 4.33 5.19
C THR A 26 -4.25 5.62 5.21
N SER A 27 -3.11 5.61 4.53
CA SER A 27 -2.25 6.79 4.48
C SER A 27 -3.07 8.05 4.26
N PHE A 28 -4.31 7.87 3.80
CA PHE A 28 -5.19 9.01 3.56
C PHE A 28 -6.57 8.76 4.15
N THR A 29 -7.39 9.80 4.20
CA THR A 29 -8.74 9.68 4.74
C THR A 29 -9.30 8.28 4.48
N GLY A 30 -9.92 8.10 3.32
CA GLY A 30 -10.51 6.81 2.97
C GLY A 30 -9.89 6.27 1.68
N GLY A 31 -8.76 6.86 1.27
CA GLY A 31 -8.09 6.43 0.06
C GLY A 31 -8.75 7.03 -1.18
N ASP A 32 -10.08 7.04 -1.19
CA ASP A 32 -10.82 7.59 -2.32
C ASP A 32 -10.11 7.26 -3.62
N GLU A 33 -9.64 6.02 -3.75
CA GLU A 33 -8.94 5.59 -4.95
C GLU A 33 -7.75 6.51 -5.23
N SER A 34 -8.00 7.58 -5.99
CA SER A 34 -6.94 8.53 -6.32
C SER A 34 -5.98 8.66 -5.15
N ARG A 35 -4.88 7.91 -5.23
CA ARG A 35 -3.87 7.89 -4.18
C ARG A 35 -3.20 6.53 -4.18
N ILE A 36 -4.04 5.50 -4.32
CA ILE A 36 -3.56 4.13 -4.35
C ILE A 36 -4.32 3.34 -5.40
N GLN A 37 -5.64 3.32 -5.29
CA GLN A 37 -6.45 2.58 -6.25
C GLN A 37 -6.12 1.09 -6.19
N GLU A 38 -4.84 0.77 -6.45
CA GLU A 38 -4.40 -0.62 -6.42
C GLU A 38 -2.96 -0.70 -5.92
N GLY A 39 -2.65 -1.79 -5.23
CA GLY A 39 -1.30 -1.97 -4.71
C GLY A 39 -1.02 -3.45 -4.45
N LYS A 40 0.26 -3.79 -4.28
CA LYS A 40 0.65 -5.16 -4.03
C LYS A 40 1.28 -5.28 -2.65
N PRO A 41 1.22 -6.43 -2.02
CA PRO A 41 1.81 -6.65 -0.68
C PRO A 41 3.21 -7.27 -0.77
N GLY A 42 3.92 -7.23 0.34
CA GLY A 42 5.26 -7.78 0.39
C GLY A 42 5.67 -8.09 1.82
N PHE A 43 6.73 -8.88 1.99
CA PHE A 43 7.20 -9.24 3.32
C PHE A 43 8.03 -8.11 3.90
N PHE A 44 7.78 -7.79 5.17
CA PHE A 44 8.51 -6.71 5.84
C PHE A 44 8.21 -5.37 5.16
N LYS A 45 7.33 -5.39 4.17
CA LYS A 45 6.98 -4.17 3.45
C LYS A 45 6.05 -4.49 2.29
N CYS A 46 5.54 -3.43 1.65
CA CYS A 46 4.63 -3.61 0.52
C CYS A 46 4.75 -2.43 -0.44
N THR A 47 4.27 -2.61 -1.66
CA THR A 47 4.35 -1.55 -2.66
C THR A 47 2.98 -1.27 -3.27
N CYS A 48 2.57 -0.01 -3.22
CA CYS A 48 1.29 0.41 -3.77
C CYS A 48 1.50 1.34 -4.96
N TYR A 49 0.54 1.36 -5.88
CA TYR A 49 0.66 2.22 -7.05
C TYR A 49 -0.63 3.00 -7.25
N PHE A 50 -0.56 4.09 -8.00
CA PHE A 50 -1.76 4.89 -8.25
C PHE A 50 -2.32 4.55 -9.62
N THR A 51 -3.37 3.73 -9.65
CA THR A 51 -3.98 3.33 -10.91
C THR A 51 -4.36 4.57 -11.73
N THR A 52 -3.36 5.27 -12.25
CA THR A 52 -3.61 6.47 -13.04
C THR A 52 -3.31 6.21 -14.51
N GLY A 53 -3.26 4.93 -14.87
CA GLY A 53 -2.98 4.54 -16.25
C GLY A 53 -3.99 5.18 -17.21
N GLU A 1 6.21 5.96 -15.19
CA GLU A 1 5.24 4.84 -15.02
C GLU A 1 3.96 5.37 -14.38
N VAL A 2 3.00 4.49 -14.15
CA VAL A 2 1.73 4.87 -13.54
C VAL A 2 1.92 5.23 -12.06
N ILE A 3 2.95 6.02 -11.78
CA ILE A 3 3.22 6.44 -10.41
C ILE A 3 3.40 5.22 -9.50
N LYS A 4 4.41 5.26 -8.64
CA LYS A 4 4.69 4.17 -7.72
C LYS A 4 4.74 4.67 -6.28
N LYS A 5 4.12 3.92 -5.38
CA LYS A 5 4.10 4.31 -3.97
C LYS A 5 4.17 3.07 -3.07
N ASP A 6 5.21 3.00 -2.26
CA ASP A 6 5.39 1.86 -1.35
C ASP A 6 5.48 2.33 0.10
N THR A 7 4.84 1.59 0.99
CA THR A 7 4.87 1.92 2.40
C THR A 7 5.81 0.95 3.14
N PRO A 8 6.19 1.27 4.36
CA PRO A 8 7.11 0.41 5.15
C PRO A 8 6.35 -0.50 6.12
N TYR A 9 6.72 -1.78 6.12
CA TYR A 9 6.07 -2.74 7.01
C TYR A 9 7.08 -3.77 7.51
N LYS A 10 8.08 -3.30 8.24
CA LYS A 10 9.09 -4.20 8.78
C LYS A 10 8.53 -4.88 10.02
N LYS A 11 7.29 -4.55 10.35
CA LYS A 11 6.63 -5.12 11.52
C LYS A 11 7.21 -6.48 11.87
N ARG A 12 6.52 -7.54 11.45
CA ARG A 12 6.98 -8.90 11.72
C ARG A 12 7.58 -9.53 10.48
N LYS A 13 8.14 -10.72 10.65
CA LYS A 13 8.75 -11.43 9.54
C LYS A 13 7.68 -12.06 8.65
N PHE A 14 6.48 -12.23 9.21
CA PHE A 14 5.38 -12.80 8.47
C PHE A 14 4.15 -11.90 8.53
N PRO A 15 4.19 -10.81 7.82
CA PRO A 15 3.07 -9.82 7.78
C PRO A 15 1.70 -10.49 7.59
N TYR A 16 0.98 -10.08 6.56
CA TYR A 16 -0.34 -10.65 6.30
C TYR A 16 -0.94 -10.06 5.03
N LYS A 17 -0.08 -9.69 4.09
CA LYS A 17 -0.55 -9.11 2.83
C LYS A 17 -1.35 -7.84 3.08
N SER A 18 -2.62 -8.02 3.47
CA SER A 18 -3.49 -6.87 3.74
C SER A 18 -2.85 -5.97 4.79
N GLU A 19 -2.46 -6.55 5.91
CA GLU A 19 -1.83 -5.79 6.98
C GLU A 19 -0.74 -4.88 6.43
N CYS A 20 -0.24 -5.22 5.24
CA CYS A 20 0.81 -4.44 4.61
C CYS A 20 0.24 -3.42 3.64
N LEU A 21 -0.83 -3.82 2.95
CA LEU A 21 -1.46 -2.94 1.98
C LEU A 21 -2.35 -1.91 2.68
N LYS A 22 -2.95 -2.32 3.80
CA LYS A 22 -3.82 -1.43 4.56
C LYS A 22 -3.07 -0.16 4.95
N ALA A 23 -1.84 -0.32 5.40
CA ALA A 23 -1.03 0.82 5.81
C ALA A 23 -0.91 1.83 4.67
N CYS A 24 -0.56 1.34 3.49
CA CYS A 24 -0.42 2.20 2.33
C CYS A 24 -1.75 2.86 2.02
N ALA A 25 -2.83 2.07 2.06
CA ALA A 25 -4.16 2.59 1.78
C ALA A 25 -4.60 3.53 2.91
N THR A 26 -4.02 3.34 4.09
CA THR A 26 -4.36 4.17 5.24
C THR A 26 -4.12 5.64 4.90
N SER A 27 -3.19 5.89 3.99
CA SER A 27 -2.88 7.25 3.58
C SER A 27 -4.15 8.09 3.48
N PHE A 28 -5.30 7.40 3.44
CA PHE A 28 -6.59 8.07 3.35
C PHE A 28 -6.50 9.49 3.90
N THR A 29 -6.52 10.48 3.01
CA THR A 29 -6.44 11.87 3.41
C THR A 29 -7.03 12.79 2.34
N GLY A 30 -8.02 13.58 2.72
CA GLY A 30 -8.66 14.50 1.78
C GLY A 30 -8.92 13.82 0.44
N GLY A 31 -9.91 12.93 0.41
CA GLY A 31 -10.24 12.23 -0.82
C GLY A 31 -10.02 10.72 -0.66
N ASP A 32 -10.49 9.96 -1.65
CA ASP A 32 -10.34 8.51 -1.61
C ASP A 32 -9.71 8.00 -2.89
N GLU A 33 -9.30 6.73 -2.90
CA GLU A 33 -8.71 6.14 -4.08
C GLU A 33 -7.48 6.95 -4.52
N SER A 34 -7.73 8.02 -5.27
CA SER A 34 -6.64 8.86 -5.75
C SER A 34 -5.54 8.92 -4.70
N ARG A 35 -4.50 8.14 -4.92
CA ARG A 35 -3.36 8.05 -4.00
C ARG A 35 -2.76 6.67 -4.10
N ILE A 36 -3.63 5.68 -4.28
CA ILE A 36 -3.22 4.30 -4.41
C ILE A 36 -4.14 3.56 -5.38
N GLN A 37 -5.43 3.55 -5.08
CA GLN A 37 -6.38 2.87 -5.94
C GLN A 37 -6.12 1.36 -5.88
N GLU A 38 -4.86 0.99 -6.02
CA GLU A 38 -4.47 -0.42 -5.97
C GLU A 38 -3.04 -0.55 -5.46
N GLY A 39 -2.76 -1.67 -4.81
CA GLY A 39 -1.42 -1.90 -4.29
C GLY A 39 -1.14 -3.38 -4.11
N LYS A 40 0.14 -3.73 -4.03
CA LYS A 40 0.55 -5.11 -3.86
C LYS A 40 1.22 -5.30 -2.49
N PRO A 41 1.36 -6.52 -2.02
CA PRO A 41 1.99 -6.81 -0.72
C PRO A 41 3.46 -7.20 -0.85
N GLY A 42 4.16 -7.21 0.27
CA GLY A 42 5.57 -7.57 0.27
C GLY A 42 6.04 -7.90 1.69
N PHE A 43 7.16 -8.62 1.78
CA PHE A 43 7.70 -8.99 3.08
C PHE A 43 8.40 -7.80 3.74
N PHE A 44 8.21 -7.64 5.03
CA PHE A 44 8.83 -6.54 5.75
C PHE A 44 8.53 -5.20 5.09
N LYS A 45 7.44 -5.16 4.31
CA LYS A 45 7.08 -3.93 3.61
C LYS A 45 5.96 -4.20 2.60
N CYS A 46 5.65 -3.19 1.80
CA CYS A 46 4.60 -3.34 0.79
C CYS A 46 4.72 -2.25 -0.27
N THR A 47 4.40 -2.60 -1.52
CA THR A 47 4.48 -1.64 -2.62
C THR A 47 3.07 -1.28 -3.10
N CYS A 48 2.87 -0.01 -3.39
CA CYS A 48 1.57 0.46 -3.87
C CYS A 48 1.74 1.33 -5.12
N TYR A 49 0.67 1.53 -5.85
CA TYR A 49 0.73 2.34 -7.06
C TYR A 49 -0.57 3.12 -7.25
N PHE A 50 -0.51 4.20 -8.03
CA PHE A 50 -1.70 4.99 -8.30
C PHE A 50 -2.24 4.61 -9.68
N THR A 51 -3.38 3.93 -9.69
CA THR A 51 -3.97 3.53 -10.97
C THR A 51 -4.31 4.74 -11.82
N THR A 52 -3.28 5.45 -12.28
CA THR A 52 -3.48 6.63 -13.10
C THR A 52 -2.45 6.67 -14.24
N GLY A 53 -2.85 6.17 -15.40
CA GLY A 53 -1.96 6.15 -16.55
C GLY A 53 -2.51 5.23 -17.64
N GLU A 1 5.07 7.04 -16.75
CA GLU A 1 4.34 5.93 -16.07
C GLU A 1 3.42 6.52 -15.01
N VAL A 2 2.87 5.65 -14.16
CA VAL A 2 1.96 6.09 -13.10
C VAL A 2 2.74 6.67 -11.92
N ILE A 3 2.57 6.07 -10.75
CA ILE A 3 3.26 6.53 -9.56
C ILE A 3 3.67 5.34 -8.68
N LYS A 4 4.73 5.53 -7.90
CA LYS A 4 5.22 4.48 -7.01
C LYS A 4 4.91 4.82 -5.56
N LYS A 5 3.94 4.12 -4.99
CA LYS A 5 3.53 4.35 -3.61
C LYS A 5 3.81 3.11 -2.77
N ASP A 6 4.86 3.16 -1.97
CA ASP A 6 5.22 2.03 -1.12
C ASP A 6 5.38 2.47 0.33
N THR A 7 4.86 1.66 1.25
CA THR A 7 4.95 1.98 2.68
C THR A 7 5.79 0.92 3.40
N PRO A 8 6.22 1.20 4.61
CA PRO A 8 7.03 0.26 5.42
C PRO A 8 6.18 -0.54 6.41
N TYR A 9 6.19 -1.86 6.29
CA TYR A 9 5.42 -2.71 7.18
C TYR A 9 6.30 -3.19 8.34
N LYS A 10 7.59 -3.35 8.05
CA LYS A 10 8.53 -3.80 9.07
C LYS A 10 7.86 -4.73 10.08
N LYS A 11 7.14 -5.72 9.57
CA LYS A 11 6.45 -6.69 10.42
C LYS A 11 6.25 -6.13 11.82
N ARG A 12 5.62 -4.96 11.90
CA ARG A 12 5.37 -4.34 13.20
C ARG A 12 5.04 -5.39 14.25
N LYS A 13 3.76 -5.57 14.54
CA LYS A 13 3.34 -6.55 15.52
C LYS A 13 3.21 -7.94 14.87
N PHE A 14 1.98 -8.44 14.82
CA PHE A 14 1.75 -9.75 14.21
C PHE A 14 1.89 -9.66 12.69
N PRO A 15 2.25 -10.75 12.07
CA PRO A 15 2.43 -10.80 10.59
C PRO A 15 1.10 -10.76 9.85
N TYR A 16 1.04 -9.97 8.78
CA TYR A 16 -0.18 -9.86 8.01
C TYR A 16 0.09 -9.12 6.69
N LYS A 17 0.57 -9.85 5.70
CA LYS A 17 0.88 -9.25 4.40
C LYS A 17 -0.24 -8.30 4.00
N SER A 18 -1.41 -8.46 4.61
CA SER A 18 -2.54 -7.60 4.31
C SER A 18 -2.36 -6.26 5.01
N GLU A 19 -2.26 -6.31 6.34
CA GLU A 19 -2.07 -5.10 7.13
C GLU A 19 -0.97 -4.23 6.50
N CYS A 20 -0.20 -4.85 5.61
CA CYS A 20 0.88 -4.16 4.94
C CYS A 20 0.33 -3.34 3.79
N LEU A 21 -0.60 -3.91 3.07
CA LEU A 21 -1.22 -3.21 1.96
C LEU A 21 -2.16 -2.14 2.51
N LYS A 22 -2.82 -2.46 3.62
CA LYS A 22 -3.74 -1.52 4.26
C LYS A 22 -3.04 -0.19 4.46
N ALA A 23 -1.78 -0.25 4.89
CA ALA A 23 -1.01 0.97 5.12
C ALA A 23 -1.05 1.84 3.87
N CYS A 24 -0.82 1.22 2.72
CA CYS A 24 -0.85 1.93 1.45
C CYS A 24 -2.19 2.65 1.29
N ALA A 25 -3.26 1.99 1.71
CA ALA A 25 -4.60 2.56 1.61
C ALA A 25 -4.80 3.64 2.66
N THR A 26 -4.45 3.34 3.90
CA THR A 26 -4.60 4.31 4.99
C THR A 26 -3.53 5.38 4.90
N SER A 27 -2.49 5.13 4.11
CA SER A 27 -1.41 6.09 3.94
C SER A 27 -1.95 7.51 3.89
N PHE A 28 -3.03 7.70 3.15
CA PHE A 28 -3.62 9.03 3.01
C PHE A 28 -5.02 9.05 3.65
N THR A 29 -5.68 10.20 3.57
CA THR A 29 -7.01 10.34 4.14
C THR A 29 -8.00 9.44 3.41
N GLY A 30 -8.20 9.70 2.13
CA GLY A 30 -9.13 8.90 1.33
C GLY A 30 -8.70 7.44 1.29
N GLY A 31 -8.80 6.77 2.43
CA GLY A 31 -8.41 5.37 2.51
C GLY A 31 -9.38 4.49 1.72
N ASP A 32 -9.26 4.53 0.40
CA ASP A 32 -10.14 3.73 -0.46
C ASP A 32 -9.43 3.36 -1.76
N GLU A 33 -9.13 4.37 -2.57
CA GLU A 33 -8.45 4.13 -3.84
C GLU A 33 -7.46 5.24 -4.14
N SER A 34 -7.97 6.44 -4.39
CA SER A 34 -7.13 7.59 -4.71
C SER A 34 -5.71 7.39 -4.16
N ARG A 35 -4.72 7.66 -5.01
CA ARG A 35 -3.32 7.52 -4.63
C ARG A 35 -2.93 6.05 -4.60
N ILE A 36 -3.93 5.18 -4.72
CA ILE A 36 -3.67 3.74 -4.72
C ILE A 36 -4.52 3.04 -5.77
N GLN A 37 -5.81 2.90 -5.49
CA GLN A 37 -6.71 2.23 -6.43
C GLN A 37 -6.33 0.76 -6.55
N GLU A 38 -5.03 0.48 -6.48
CA GLU A 38 -4.55 -0.89 -6.57
C GLU A 38 -3.12 -0.97 -6.10
N GLY A 39 -2.80 -2.02 -5.37
CA GLY A 39 -1.44 -2.19 -4.86
C GLY A 39 -1.19 -3.63 -4.44
N LYS A 40 0.09 -3.97 -4.28
CA LYS A 40 0.47 -5.30 -3.88
C LYS A 40 1.07 -5.29 -2.48
N PRO A 41 1.04 -6.39 -1.76
CA PRO A 41 1.62 -6.48 -0.41
C PRO A 41 3.03 -7.04 -0.44
N GLY A 42 3.74 -6.85 0.65
CA GLY A 42 5.11 -7.34 0.76
C GLY A 42 5.53 -7.47 2.21
N PHE A 43 6.54 -8.31 2.46
CA PHE A 43 7.02 -8.51 3.82
C PHE A 43 7.84 -7.31 4.26
N PHE A 44 7.65 -6.89 5.51
CA PHE A 44 8.38 -5.75 6.05
C PHE A 44 8.34 -4.58 5.08
N LYS A 45 7.46 -4.65 4.09
CA LYS A 45 7.34 -3.57 3.11
C LYS A 45 6.02 -3.67 2.35
N CYS A 46 5.71 -2.62 1.60
CA CYS A 46 4.48 -2.58 0.81
C CYS A 46 4.66 -1.70 -0.42
N THR A 47 4.23 -2.18 -1.58
CA THR A 47 4.37 -1.40 -2.80
C THR A 47 3.05 -1.32 -3.55
N CYS A 48 2.43 -0.14 -3.53
CA CYS A 48 1.17 0.06 -4.23
C CYS A 48 1.33 1.14 -5.30
N TYR A 49 0.38 1.20 -6.23
CA TYR A 49 0.44 2.18 -7.30
C TYR A 49 -0.81 3.06 -7.27
N PHE A 50 -0.69 4.27 -7.82
CA PHE A 50 -1.82 5.18 -7.86
C PHE A 50 -2.43 5.23 -9.26
N THR A 51 -3.50 4.49 -9.47
CA THR A 51 -4.16 4.46 -10.78
C THR A 51 -4.54 5.86 -11.22
N THR A 52 -3.62 6.53 -11.90
CA THR A 52 -3.87 7.88 -12.38
C THR A 52 -3.77 7.93 -13.90
N GLY A 53 -4.76 8.57 -14.54
CA GLY A 53 -4.77 8.68 -15.99
C GLY A 53 -3.85 9.80 -16.46
N GLU A 1 6.43 6.37 -15.81
CA GLU A 1 5.24 5.66 -16.34
C GLU A 1 4.06 5.86 -15.39
N VAL A 2 4.00 5.05 -14.35
CA VAL A 2 2.92 5.16 -13.37
C VAL A 2 3.48 5.25 -11.96
N ILE A 3 3.37 6.43 -11.37
CA ILE A 3 3.86 6.66 -10.01
C ILE A 3 3.59 5.45 -9.12
N LYS A 4 4.31 5.35 -8.01
CA LYS A 4 4.13 4.23 -7.08
C LYS A 4 4.36 4.70 -5.65
N LYS A 5 3.71 4.03 -4.70
CA LYS A 5 3.84 4.38 -3.30
C LYS A 5 4.00 3.13 -2.43
N ASP A 6 5.23 2.88 -1.99
CA ASP A 6 5.51 1.73 -1.16
C ASP A 6 5.82 2.15 0.28
N THR A 7 5.29 1.39 1.23
CA THR A 7 5.52 1.70 2.64
C THR A 7 6.24 0.53 3.32
N PRO A 8 6.75 0.72 4.51
CA PRO A 8 7.47 -0.34 5.26
C PRO A 8 6.54 -1.04 6.26
N TYR A 9 6.61 -2.37 6.27
CA TYR A 9 5.76 -3.14 7.18
C TYR A 9 6.16 -4.62 7.16
N LYS A 10 5.43 -5.41 7.94
CA LYS A 10 5.68 -6.85 8.02
C LYS A 10 6.54 -7.16 9.24
N LYS A 11 7.59 -6.37 9.42
CA LYS A 11 8.47 -6.56 10.56
C LYS A 11 7.66 -6.49 11.85
N ARG A 12 6.37 -6.25 11.71
CA ARG A 12 5.49 -6.16 12.87
C ARG A 12 4.40 -7.24 12.80
N LYS A 13 4.38 -8.12 13.78
CA LYS A 13 3.39 -9.18 13.83
C LYS A 13 3.55 -10.11 12.63
N PHE A 14 3.34 -11.41 12.88
CA PHE A 14 3.47 -12.41 11.81
C PHE A 14 2.95 -11.88 10.49
N PRO A 15 3.42 -12.45 9.40
CA PRO A 15 3.01 -12.04 8.03
C PRO A 15 1.52 -11.73 7.92
N TYR A 16 1.16 -10.86 6.98
CA TYR A 16 -0.24 -10.51 6.78
C TYR A 16 -0.47 -10.04 5.35
N LYS A 17 0.46 -9.26 4.82
CA LYS A 17 0.35 -8.75 3.47
C LYS A 17 -0.78 -7.73 3.36
N SER A 18 -1.96 -8.10 3.83
CA SER A 18 -3.11 -7.20 3.80
C SER A 18 -2.93 -6.07 4.81
N GLU A 19 -2.37 -6.41 5.97
CA GLU A 19 -2.14 -5.43 7.02
C GLU A 19 -1.14 -4.38 6.54
N CYS A 20 -0.30 -4.78 5.62
CA CYS A 20 0.72 -3.88 5.07
C CYS A 20 0.09 -2.93 4.07
N LEU A 21 -0.69 -3.50 3.15
CA LEU A 21 -1.35 -2.69 2.14
C LEU A 21 -2.28 -1.69 2.81
N LYS A 22 -2.79 -2.06 3.98
CA LYS A 22 -3.67 -1.19 4.72
C LYS A 22 -2.98 0.13 5.01
N ALA A 23 -1.79 0.07 5.59
CA ALA A 23 -1.03 1.27 5.90
C ALA A 23 -0.82 2.09 4.63
N CYS A 24 -0.93 1.43 3.49
CA CYS A 24 -0.76 2.10 2.20
C CYS A 24 -2.07 2.72 1.74
N ALA A 25 -3.15 1.94 1.82
CA ALA A 25 -4.47 2.42 1.42
C ALA A 25 -4.99 3.44 2.42
N THR A 26 -4.52 3.35 3.66
CA THR A 26 -4.94 4.25 4.71
C THR A 26 -4.25 5.61 4.55
N SER A 27 -3.19 5.63 3.74
CA SER A 27 -2.46 6.88 3.51
C SER A 27 -3.43 8.04 3.34
N PHE A 28 -4.67 7.74 2.98
CA PHE A 28 -5.68 8.77 2.79
C PHE A 28 -6.87 8.51 3.70
N THR A 29 -7.90 9.35 3.58
CA THR A 29 -9.10 9.20 4.40
C THR A 29 -9.56 7.74 4.43
N GLY A 30 -10.59 7.47 5.22
CA GLY A 30 -11.12 6.11 5.33
C GLY A 30 -11.12 5.42 3.97
N GLY A 31 -11.19 6.21 2.91
CA GLY A 31 -11.20 5.66 1.56
C GLY A 31 -9.98 4.77 1.32
N ASP A 32 -10.15 3.74 0.50
CA ASP A 32 -9.06 2.83 0.19
C ASP A 32 -8.55 3.06 -1.22
N GLU A 33 -8.81 4.25 -1.76
CA GLU A 33 -8.37 4.59 -3.11
C GLU A 33 -7.54 5.87 -3.09
N SER A 34 -7.41 6.50 -4.25
CA SER A 34 -6.65 7.74 -4.35
C SER A 34 -5.22 7.53 -3.88
N ARG A 35 -4.27 7.72 -4.79
CA ARG A 35 -2.86 7.55 -4.48
C ARG A 35 -2.49 6.08 -4.44
N ILE A 36 -3.50 5.22 -4.58
CA ILE A 36 -3.28 3.78 -4.56
C ILE A 36 -4.29 3.08 -5.47
N GLN A 37 -5.52 2.98 -5.01
CA GLN A 37 -6.55 2.32 -5.79
C GLN A 37 -6.25 0.83 -5.86
N GLU A 38 -4.97 0.51 -6.05
CA GLU A 38 -4.54 -0.88 -6.12
C GLU A 38 -3.06 -1.00 -5.79
N GLY A 39 -2.76 -1.86 -4.83
CA GLY A 39 -1.37 -2.06 -4.43
C GLY A 39 -1.10 -3.53 -4.15
N LYS A 40 0.17 -3.91 -4.22
CA LYS A 40 0.57 -5.29 -3.98
C LYS A 40 1.30 -5.39 -2.64
N PRO A 41 1.44 -6.58 -2.11
CA PRO A 41 2.13 -6.79 -0.81
C PRO A 41 3.59 -7.21 -0.97
N GLY A 42 4.34 -7.07 0.11
CA GLY A 42 5.75 -7.44 0.12
C GLY A 42 6.22 -7.72 1.54
N PHE A 43 7.30 -8.48 1.68
CA PHE A 43 7.83 -8.79 3.00
C PHE A 43 8.76 -7.67 3.47
N PHE A 44 8.52 -7.17 4.69
CA PHE A 44 9.34 -6.09 5.21
C PHE A 44 8.95 -4.77 4.54
N LYS A 45 7.80 -4.78 3.86
CA LYS A 45 7.32 -3.59 3.18
C LYS A 45 6.23 -3.95 2.17
N CYS A 46 5.82 -2.98 1.37
CA CYS A 46 4.79 -3.21 0.36
C CYS A 46 4.79 -2.09 -0.65
N THR A 47 4.59 -2.45 -1.91
CA THR A 47 4.58 -1.45 -2.98
C THR A 47 3.17 -1.27 -3.55
N CYS A 48 2.71 -0.03 -3.59
CA CYS A 48 1.38 0.28 -4.12
C CYS A 48 1.48 1.18 -5.34
N TYR A 49 0.44 1.17 -6.17
CA TYR A 49 0.44 2.00 -7.36
C TYR A 49 -0.75 2.96 -7.32
N PHE A 50 -0.55 4.18 -7.79
CA PHE A 50 -1.63 5.15 -7.80
C PHE A 50 -2.27 5.23 -9.18
N THR A 51 -3.41 4.56 -9.34
CA THR A 51 -4.10 4.55 -10.62
C THR A 51 -4.51 5.96 -11.03
N THR A 52 -3.72 6.59 -11.90
CA THR A 52 -4.03 7.94 -12.35
C THR A 52 -4.43 7.92 -13.83
N GLY A 53 -5.69 8.25 -14.09
CA GLY A 53 -6.21 8.25 -15.46
C GLY A 53 -6.19 6.85 -16.05
N GLU A 1 1.45 8.12 -16.92
CA GLU A 1 1.17 9.05 -15.79
C GLU A 1 0.61 8.24 -14.61
N VAL A 2 1.50 7.82 -13.72
CA VAL A 2 1.10 7.05 -12.55
C VAL A 2 2.15 7.16 -11.45
N ILE A 3 1.70 7.37 -10.22
CA ILE A 3 2.62 7.50 -9.09
C ILE A 3 2.87 6.14 -8.43
N LYS A 4 4.07 6.00 -7.86
CA LYS A 4 4.44 4.75 -7.20
C LYS A 4 4.78 5.03 -5.73
N LYS A 5 3.86 4.66 -4.84
CA LYS A 5 4.07 4.88 -3.41
C LYS A 5 4.08 3.56 -2.66
N ASP A 6 5.11 3.37 -1.84
CA ASP A 6 5.25 2.14 -1.05
C ASP A 6 5.32 2.46 0.44
N THR A 7 4.69 1.61 1.26
CA THR A 7 4.70 1.82 2.70
C THR A 7 5.55 0.76 3.39
N PRO A 8 5.90 0.95 4.65
CA PRO A 8 6.71 -0.01 5.41
C PRO A 8 5.84 -0.95 6.25
N TYR A 9 6.35 -2.15 6.53
CA TYR A 9 5.59 -3.13 7.31
C TYR A 9 6.52 -4.13 7.96
N LYS A 10 7.24 -3.70 8.98
CA LYS A 10 8.17 -4.58 9.68
C LYS A 10 7.54 -5.94 9.91
N LYS A 11 7.68 -6.83 8.94
CA LYS A 11 7.13 -8.18 9.03
C LYS A 11 6.86 -8.56 10.49
N ARG A 12 5.68 -8.20 10.98
CA ARG A 12 5.33 -8.51 12.36
C ARG A 12 4.50 -9.78 12.43
N LYS A 13 5.11 -10.84 12.97
CA LYS A 13 4.42 -12.12 13.09
C LYS A 13 3.90 -12.58 11.74
N PHE A 14 4.81 -12.96 10.85
CA PHE A 14 4.43 -13.42 9.52
C PHE A 14 3.69 -12.32 8.77
N PRO A 15 3.81 -12.31 7.46
CA PRO A 15 3.12 -11.30 6.60
C PRO A 15 1.62 -11.53 6.52
N TYR A 16 0.86 -10.45 6.57
CA TYR A 16 -0.60 -10.54 6.50
C TYR A 16 -1.10 -10.14 5.11
N LYS A 17 -0.20 -9.60 4.29
CA LYS A 17 -0.57 -9.18 2.95
C LYS A 17 -1.46 -7.94 3.01
N SER A 18 -2.50 -8.01 3.83
CA SER A 18 -3.42 -6.89 3.98
C SER A 18 -2.85 -5.85 4.94
N GLU A 19 -2.73 -6.23 6.22
CA GLU A 19 -2.20 -5.33 7.23
C GLU A 19 -1.07 -4.48 6.65
N CYS A 20 -0.51 -4.95 5.55
CA CYS A 20 0.57 -4.22 4.89
C CYS A 20 0.03 -3.34 3.77
N LEU A 21 -0.87 -3.92 2.97
CA LEU A 21 -1.46 -3.17 1.87
C LEU A 21 -2.45 -2.14 2.43
N LYS A 22 -3.02 -2.45 3.59
CA LYS A 22 -3.96 -1.54 4.22
C LYS A 22 -3.28 -0.21 4.53
N ALA A 23 -2.12 -0.29 5.19
CA ALA A 23 -1.36 0.91 5.51
C ALA A 23 -1.32 1.86 4.32
N CYS A 24 -1.02 1.30 3.15
CA CYS A 24 -0.97 2.10 1.93
C CYS A 24 -2.26 2.88 1.75
N ALA A 25 -3.38 2.25 2.10
CA ALA A 25 -4.67 2.90 1.97
C ALA A 25 -4.87 3.93 3.08
N THR A 26 -4.03 3.84 4.11
CA THR A 26 -4.12 4.76 5.22
C THR A 26 -3.16 5.95 5.02
N SER A 27 -2.25 5.81 4.08
CA SER A 27 -1.29 6.87 3.80
C SER A 27 -1.98 8.23 3.79
N PHE A 28 -3.21 8.25 3.33
CA PHE A 28 -3.98 9.50 3.27
C PHE A 28 -5.30 9.35 4.02
N THR A 29 -6.23 8.60 3.44
CA THR A 29 -7.53 8.38 4.06
C THR A 29 -7.58 7.02 4.73
N GLY A 30 -8.32 6.10 4.12
CA GLY A 30 -8.44 4.74 4.66
C GLY A 30 -9.58 3.99 3.99
N GLY A 31 -9.99 4.46 2.81
CA GLY A 31 -11.08 3.81 2.08
C GLY A 31 -10.58 2.53 1.39
N ASP A 32 -10.44 2.61 0.07
CA ASP A 32 -9.97 1.46 -0.69
C ASP A 32 -9.74 1.83 -2.15
N GLU A 33 -9.72 3.13 -2.42
CA GLU A 33 -9.50 3.61 -3.78
C GLU A 33 -8.84 4.98 -3.77
N SER A 34 -8.53 5.50 -4.96
CA SER A 34 -7.89 6.79 -5.07
C SER A 34 -6.56 6.79 -4.33
N ARG A 35 -5.49 7.13 -5.05
CA ARG A 35 -4.15 7.16 -4.48
C ARG A 35 -3.54 5.78 -4.45
N ILE A 36 -4.38 4.76 -4.59
CA ILE A 36 -3.90 3.39 -4.59
C ILE A 36 -4.71 2.53 -5.54
N GLN A 37 -5.96 2.28 -5.19
CA GLN A 37 -6.83 1.47 -6.03
C GLN A 37 -6.32 0.04 -6.10
N GLU A 38 -5.00 -0.11 -6.18
CA GLU A 38 -4.40 -1.44 -6.26
C GLU A 38 -2.93 -1.37 -5.88
N GLY A 39 -2.45 -2.40 -5.20
CA GLY A 39 -1.06 -2.45 -4.78
C GLY A 39 -0.59 -3.88 -4.52
N LYS A 40 0.73 -4.06 -4.53
CA LYS A 40 1.33 -5.37 -4.29
C LYS A 40 2.13 -5.33 -2.98
N PRO A 41 1.71 -6.04 -1.96
CA PRO A 41 2.41 -6.05 -0.66
C PRO A 41 3.39 -7.22 -0.52
N GLY A 42 4.25 -7.11 0.49
CA GLY A 42 5.24 -8.13 0.78
C GLY A 42 5.75 -7.98 2.22
N PHE A 43 6.41 -9.02 2.73
CA PHE A 43 6.92 -8.97 4.10
C PHE A 43 8.07 -7.98 4.23
N PHE A 44 7.96 -7.09 5.21
CA PHE A 44 8.98 -6.08 5.46
C PHE A 44 9.02 -5.04 4.35
N LYS A 45 7.99 -5.02 3.51
CA LYS A 45 7.94 -4.06 2.41
C LYS A 45 6.65 -4.22 1.61
N CYS A 46 6.13 -3.12 1.09
CA CYS A 46 4.90 -3.15 0.31
C CYS A 46 4.84 -1.99 -0.67
N THR A 47 4.74 -2.30 -1.96
CA THR A 47 4.67 -1.28 -2.98
C THR A 47 3.25 -1.21 -3.56
N CYS A 48 2.72 0.00 -3.67
CA CYS A 48 1.39 0.19 -4.22
C CYS A 48 1.41 1.17 -5.38
N TYR A 49 0.36 1.16 -6.19
CA TYR A 49 0.29 2.07 -7.34
C TYR A 49 -1.05 2.79 -7.34
N PHE A 50 -1.05 4.03 -7.81
CA PHE A 50 -2.30 4.79 -7.86
C PHE A 50 -2.89 4.76 -9.25
N THR A 51 -3.90 3.91 -9.44
CA THR A 51 -4.55 3.78 -10.73
C THR A 51 -5.38 5.02 -11.04
N THR A 52 -4.73 6.03 -11.61
CA THR A 52 -5.43 7.28 -11.95
C THR A 52 -5.84 7.27 -13.42
N GLY A 53 -7.14 7.41 -13.67
CA GLY A 53 -7.65 7.41 -15.03
C GLY A 53 -9.17 7.46 -15.04
N GLU A 1 5.77 6.12 -16.00
CA GLU A 1 6.23 5.58 -14.69
C GLU A 1 5.13 5.77 -13.65
N VAL A 2 3.96 5.17 -13.92
CA VAL A 2 2.84 5.28 -12.99
C VAL A 2 3.32 5.50 -11.56
N ILE A 3 2.87 6.60 -10.96
CA ILE A 3 3.27 6.91 -9.59
C ILE A 3 3.57 5.65 -8.81
N LYS A 4 4.58 5.72 -7.94
CA LYS A 4 4.97 4.57 -7.13
C LYS A 4 4.78 4.86 -5.66
N LYS A 5 3.78 4.24 -5.06
CA LYS A 5 3.50 4.44 -3.64
C LYS A 5 3.77 3.16 -2.85
N ASP A 6 4.86 3.16 -2.09
CA ASP A 6 5.22 1.99 -1.30
C ASP A 6 5.49 2.36 0.15
N THR A 7 4.96 1.57 1.08
CA THR A 7 5.16 1.83 2.50
C THR A 7 6.02 0.72 3.12
N PRO A 8 6.50 0.93 4.32
CA PRO A 8 7.35 -0.07 5.01
C PRO A 8 6.54 -0.93 5.97
N TYR A 9 6.98 -2.18 6.16
CA TYR A 9 6.28 -3.10 7.04
C TYR A 9 7.11 -3.39 8.29
N LYS A 10 8.24 -4.06 8.10
CA LYS A 10 9.11 -4.40 9.22
C LYS A 10 8.30 -4.99 10.37
N LYS A 11 7.01 -5.21 10.13
CA LYS A 11 6.14 -5.77 11.16
C LYS A 11 6.57 -7.19 11.49
N ARG A 12 6.14 -8.13 10.65
CA ARG A 12 6.48 -9.53 10.86
C ARG A 12 5.72 -10.08 12.07
N LYS A 13 5.40 -9.20 13.00
CA LYS A 13 4.66 -9.60 14.20
C LYS A 13 3.29 -10.13 13.83
N PHE A 14 2.81 -9.73 12.65
CA PHE A 14 1.51 -10.18 12.17
C PHE A 14 1.60 -10.68 10.73
N PRO A 15 2.10 -11.86 10.55
CA PRO A 15 2.26 -12.48 9.20
C PRO A 15 1.01 -12.29 8.35
N TYR A 16 0.86 -11.10 7.77
CA TYR A 16 -0.29 -10.81 6.93
C TYR A 16 0.03 -9.69 5.95
N LYS A 17 0.57 -10.07 4.79
CA LYS A 17 0.92 -9.10 3.77
C LYS A 17 -0.20 -8.07 3.57
N SER A 18 -1.42 -8.45 3.95
CA SER A 18 -2.57 -7.55 3.81
C SER A 18 -2.56 -6.49 4.91
N GLU A 19 -1.96 -6.83 6.05
CA GLU A 19 -1.89 -5.90 7.17
C GLU A 19 -1.05 -4.70 6.78
N CYS A 20 -0.20 -4.89 5.79
CA CYS A 20 0.67 -3.82 5.32
C CYS A 20 -0.10 -2.91 4.36
N LEU A 21 -0.66 -3.51 3.31
CA LEU A 21 -1.43 -2.75 2.33
C LEU A 21 -2.37 -1.80 3.05
N LYS A 22 -2.94 -2.26 4.17
CA LYS A 22 -3.83 -1.43 4.95
C LYS A 22 -3.15 -0.11 5.27
N ALA A 23 -1.85 -0.19 5.55
CA ALA A 23 -1.07 1.00 5.86
C ALA A 23 -0.94 1.89 4.62
N CYS A 24 -0.99 1.27 3.44
CA CYS A 24 -0.89 2.01 2.20
C CYS A 24 -2.25 2.59 1.83
N ALA A 25 -3.29 1.79 1.95
CA ALA A 25 -4.64 2.24 1.64
C ALA A 25 -5.04 3.40 2.54
N THR A 26 -4.29 3.57 3.62
CA THR A 26 -4.56 4.65 4.57
C THR A 26 -3.70 5.87 4.24
N SER A 27 -2.69 5.67 3.41
CA SER A 27 -1.81 6.76 3.02
C SER A 27 -2.59 8.04 2.77
N PHE A 28 -3.64 7.94 1.95
CA PHE A 28 -4.46 9.10 1.64
C PHE A 28 -5.82 9.00 2.34
N THR A 29 -6.67 9.99 2.11
CA THR A 29 -8.00 10.00 2.72
C THR A 29 -9.04 10.43 1.69
N GLY A 30 -9.98 9.53 1.40
CA GLY A 30 -11.03 9.83 0.44
C GLY A 30 -12.02 8.67 0.35
N GLY A 31 -11.55 7.46 0.65
CA GLY A 31 -12.41 6.28 0.59
C GLY A 31 -11.60 5.03 0.28
N ASP A 32 -11.74 4.53 -0.95
CA ASP A 32 -11.01 3.34 -1.37
C ASP A 32 -9.93 3.69 -2.37
N GLU A 33 -10.33 3.92 -3.62
CA GLU A 33 -9.38 4.27 -4.67
C GLU A 33 -8.98 5.73 -4.57
N SER A 34 -7.74 5.96 -4.17
CA SER A 34 -7.21 7.31 -4.04
C SER A 34 -5.76 7.26 -3.57
N ARG A 35 -4.84 7.40 -4.51
CA ARG A 35 -3.42 7.35 -4.21
C ARG A 35 -2.91 5.91 -4.30
N ILE A 36 -3.85 4.98 -4.49
CA ILE A 36 -3.49 3.56 -4.61
C ILE A 36 -4.41 2.87 -5.61
N GLN A 37 -5.66 2.68 -5.22
CA GLN A 37 -6.63 2.01 -6.09
C GLN A 37 -6.17 0.57 -6.37
N GLU A 38 -4.86 0.36 -6.37
CA GLU A 38 -4.30 -0.96 -6.60
C GLU A 38 -2.85 -0.99 -6.18
N GLY A 39 -2.49 -2.02 -5.44
CA GLY A 39 -1.12 -2.15 -4.97
C GLY A 39 -0.79 -3.61 -4.64
N LYS A 40 0.50 -3.89 -4.49
CA LYS A 40 0.96 -5.22 -4.16
C LYS A 40 1.62 -5.24 -2.78
N PRO A 41 1.29 -6.17 -1.93
CA PRO A 41 1.89 -6.27 -0.57
C PRO A 41 3.08 -7.24 -0.53
N GLY A 42 3.83 -7.14 0.55
CA GLY A 42 5.01 -7.99 0.76
C GLY A 42 5.42 -7.98 2.23
N PHE A 43 6.27 -8.91 2.61
CA PHE A 43 6.73 -8.99 4.00
C PHE A 43 7.93 -8.09 4.24
N PHE A 44 7.83 -7.23 5.24
CA PHE A 44 8.91 -6.30 5.56
C PHE A 44 8.81 -5.04 4.71
N LYS A 45 7.79 -5.00 3.87
CA LYS A 45 7.58 -3.85 2.99
C LYS A 45 6.37 -4.09 2.09
N CYS A 46 5.98 -3.06 1.34
CA CYS A 46 4.84 -3.18 0.45
C CYS A 46 4.83 -2.06 -0.58
N THR A 47 4.48 -2.40 -1.81
CA THR A 47 4.43 -1.43 -2.88
C THR A 47 3.01 -1.21 -3.38
N CYS A 48 2.65 0.05 -3.62
CA CYS A 48 1.32 0.38 -4.12
C CYS A 48 1.42 1.44 -5.20
N TYR A 49 0.48 1.42 -6.14
CA TYR A 49 0.49 2.39 -7.23
C TYR A 49 -0.82 3.16 -7.25
N PHE A 50 -0.76 4.43 -7.67
CA PHE A 50 -1.96 5.24 -7.72
C PHE A 50 -2.51 5.31 -9.15
N THR A 51 -3.54 4.52 -9.42
CA THR A 51 -4.15 4.49 -10.75
C THR A 51 -3.96 5.82 -11.46
N THR A 52 -2.84 5.95 -12.18
CA THR A 52 -2.56 7.19 -12.91
C THR A 52 -1.66 6.89 -14.11
N GLY A 53 -2.25 6.88 -15.29
CA GLY A 53 -1.49 6.62 -16.52
C GLY A 53 -1.93 7.55 -17.63
N GLU A 1 6.85 4.19 -14.51
CA GLU A 1 6.21 5.51 -14.81
C GLU A 1 5.09 5.76 -13.80
N VAL A 2 4.07 4.91 -13.84
CA VAL A 2 2.94 5.05 -12.93
C VAL A 2 3.41 5.49 -11.54
N ILE A 3 2.54 6.16 -10.80
CA ILE A 3 2.88 6.63 -9.47
C ILE A 3 3.31 5.46 -8.59
N LYS A 4 4.41 5.65 -7.87
CA LYS A 4 4.93 4.61 -6.99
C LYS A 4 4.64 4.92 -5.54
N LYS A 5 3.71 4.18 -4.95
CA LYS A 5 3.35 4.39 -3.55
C LYS A 5 3.65 3.13 -2.74
N ASP A 6 4.73 3.17 -1.97
CA ASP A 6 5.11 2.02 -1.15
C ASP A 6 5.26 2.43 0.31
N THR A 7 4.72 1.62 1.21
CA THR A 7 4.81 1.92 2.64
C THR A 7 5.85 1.03 3.31
N PRO A 8 6.27 1.36 4.51
CA PRO A 8 7.27 0.57 5.26
C PRO A 8 6.62 -0.38 6.26
N TYR A 9 6.90 -1.66 6.12
CA TYR A 9 6.31 -2.66 7.02
C TYR A 9 7.28 -2.99 8.16
N LYS A 10 8.27 -3.84 7.87
CA LYS A 10 9.23 -4.23 8.89
C LYS A 10 8.49 -4.62 10.18
N LYS A 11 7.16 -4.66 10.09
CA LYS A 11 6.35 -5.01 11.24
C LYS A 11 6.84 -6.30 11.88
N ARG A 12 6.44 -7.44 11.31
CA ARG A 12 6.85 -8.74 11.84
C ARG A 12 7.14 -9.71 10.70
N LYS A 13 7.73 -10.85 11.04
CA LYS A 13 8.06 -11.86 10.03
C LYS A 13 6.84 -12.72 9.72
N PHE A 14 5.69 -12.07 9.56
CA PHE A 14 4.46 -12.79 9.26
C PHE A 14 3.70 -12.10 8.13
N PRO A 15 4.10 -12.36 6.91
CA PRO A 15 3.47 -11.75 5.70
C PRO A 15 1.95 -11.80 5.76
N TYR A 16 1.34 -10.67 6.07
CA TYR A 16 -0.12 -10.60 6.14
C TYR A 16 -0.68 -10.00 4.86
N LYS A 17 0.20 -9.37 4.09
CA LYS A 17 -0.20 -8.76 2.83
C LYS A 17 -1.17 -7.61 3.07
N SER A 18 -2.33 -7.92 3.64
CA SER A 18 -3.34 -6.90 3.92
C SER A 18 -2.86 -5.92 4.98
N GLU A 19 -2.76 -6.37 6.22
CA GLU A 19 -2.31 -5.52 7.31
C GLU A 19 -1.27 -4.53 6.79
N CYS A 20 -0.58 -4.91 5.73
CA CYS A 20 0.45 -4.06 5.15
C CYS A 20 -0.12 -3.24 3.99
N LEU A 21 -0.82 -3.92 3.09
CA LEU A 21 -1.42 -3.24 1.94
C LEU A 21 -2.44 -2.22 2.42
N LYS A 22 -2.99 -2.45 3.60
CA LYS A 22 -3.97 -1.54 4.17
C LYS A 22 -3.33 -0.20 4.50
N ALA A 23 -2.16 -0.25 5.15
CA ALA A 23 -1.44 0.96 5.51
C ALA A 23 -1.36 1.91 4.31
N CYS A 24 -1.19 1.32 3.13
CA CYS A 24 -1.10 2.12 1.91
C CYS A 24 -2.38 2.92 1.69
N ALA A 25 -3.52 2.24 1.81
CA ALA A 25 -4.81 2.90 1.62
C ALA A 25 -5.01 3.98 2.68
N THR A 26 -4.32 3.83 3.81
CA THR A 26 -4.43 4.80 4.89
C THR A 26 -3.32 5.83 4.79
N SER A 27 -2.31 5.53 3.99
CA SER A 27 -1.18 6.45 3.81
C SER A 27 -1.68 7.89 3.78
N PHE A 28 -2.71 8.14 3.00
CA PHE A 28 -3.28 9.49 2.89
C PHE A 28 -4.00 9.86 4.18
N THR A 29 -4.30 11.15 4.33
CA THR A 29 -5.00 11.62 5.52
C THR A 29 -6.38 10.98 5.63
N GLY A 30 -7.27 11.34 4.71
CA GLY A 30 -8.61 10.79 4.71
C GLY A 30 -8.59 9.30 4.37
N GLY A 31 -8.27 9.01 3.11
CA GLY A 31 -8.22 7.62 2.65
C GLY A 31 -8.70 7.51 1.21
N ASP A 32 -10.01 7.51 1.02
CA ASP A 32 -10.58 7.41 -0.31
C ASP A 32 -9.89 6.32 -1.12
N GLU A 33 -9.71 6.56 -2.41
CA GLU A 33 -9.06 5.59 -3.28
C GLU A 33 -8.00 6.26 -4.15
N SER A 34 -8.29 7.48 -4.60
CA SER A 34 -7.34 8.21 -5.44
C SER A 34 -6.04 8.40 -4.69
N ARG A 35 -5.17 7.40 -4.80
CA ARG A 35 -3.87 7.42 -4.15
C ARG A 35 -3.24 6.04 -4.26
N ILE A 36 -4.09 5.04 -4.44
CA ILE A 36 -3.64 3.66 -4.56
C ILE A 36 -4.52 2.92 -5.57
N GLN A 37 -5.79 2.72 -5.21
CA GLN A 37 -6.72 2.02 -6.09
C GLN A 37 -6.26 0.57 -6.30
N GLU A 38 -4.95 0.37 -6.30
CA GLU A 38 -4.39 -0.96 -6.49
C GLU A 38 -2.97 -1.00 -5.92
N GLY A 39 -2.62 -2.13 -5.32
CA GLY A 39 -1.28 -2.28 -4.75
C GLY A 39 -0.95 -3.74 -4.48
N LYS A 40 0.32 -4.02 -4.24
CA LYS A 40 0.76 -5.38 -3.97
C LYS A 40 1.42 -5.45 -2.60
N PRO A 41 1.60 -6.64 -2.07
CA PRO A 41 2.24 -6.83 -0.75
C PRO A 41 3.73 -7.17 -0.88
N GLY A 42 4.44 -7.07 0.23
CA GLY A 42 5.86 -7.36 0.25
C GLY A 42 6.30 -7.87 1.61
N PHE A 43 7.40 -8.63 1.62
CA PHE A 43 7.92 -9.18 2.87
C PHE A 43 8.72 -8.11 3.62
N PHE A 44 8.23 -7.73 4.80
CA PHE A 44 8.90 -6.71 5.58
C PHE A 44 8.84 -5.37 4.85
N LYS A 45 7.82 -5.24 4.02
CA LYS A 45 7.62 -4.03 3.23
C LYS A 45 6.52 -4.27 2.20
N CYS A 46 6.10 -3.22 1.51
CA CYS A 46 5.06 -3.35 0.50
C CYS A 46 5.14 -2.23 -0.53
N THR A 47 4.61 -2.50 -1.73
CA THR A 47 4.62 -1.51 -2.80
C THR A 47 3.23 -1.35 -3.40
N CYS A 48 2.78 -0.11 -3.52
CA CYS A 48 1.46 0.15 -4.08
C CYS A 48 1.55 1.17 -5.22
N TYR A 49 0.48 1.26 -5.99
CA TYR A 49 0.45 2.19 -7.12
C TYR A 49 -0.90 2.88 -7.21
N PHE A 50 -0.92 4.11 -7.72
CA PHE A 50 -2.16 4.85 -7.84
C PHE A 50 -2.64 4.84 -9.29
N THR A 51 -3.60 3.96 -9.57
CA THR A 51 -4.15 3.86 -10.92
C THR A 51 -4.26 5.24 -11.57
N THR A 52 -3.21 5.66 -12.25
CA THR A 52 -3.20 6.97 -12.90
C THR A 52 -2.21 6.98 -14.06
N GLY A 53 -2.68 6.67 -15.26
CA GLY A 53 -1.83 6.66 -16.43
C GLY A 53 -2.54 6.03 -17.63
N GLU A 1 4.59 2.94 -16.61
CA GLU A 1 5.26 3.52 -15.40
C GLU A 1 4.25 4.34 -14.61
N VAL A 2 3.49 3.67 -13.75
CA VAL A 2 2.49 4.35 -12.94
C VAL A 2 3.09 4.86 -11.64
N ILE A 3 2.42 5.82 -11.03
CA ILE A 3 2.89 6.39 -9.77
C ILE A 3 3.43 5.29 -8.86
N LYS A 4 4.53 5.59 -8.17
CA LYS A 4 5.15 4.62 -7.28
C LYS A 4 4.86 4.98 -5.82
N LYS A 5 4.10 4.13 -5.14
CA LYS A 5 3.76 4.37 -3.74
C LYS A 5 4.01 3.09 -2.93
N ASP A 6 5.10 3.08 -2.17
CA ASP A 6 5.44 1.91 -1.35
C ASP A 6 5.56 2.29 0.12
N THR A 7 5.14 1.40 1.00
CA THR A 7 5.21 1.66 2.43
C THR A 7 6.11 0.63 3.12
N PRO A 8 6.50 0.88 4.35
CA PRO A 8 7.37 -0.04 5.12
C PRO A 8 6.55 -0.95 6.03
N TYR A 9 7.08 -2.14 6.31
CA TYR A 9 6.37 -3.09 7.16
C TYR A 9 7.31 -3.75 8.17
N LYS A 10 8.58 -3.86 7.80
CA LYS A 10 9.56 -4.50 8.68
C LYS A 10 9.23 -5.97 8.84
N LYS A 11 8.15 -6.26 9.58
CA LYS A 11 7.72 -7.64 9.80
C LYS A 11 6.92 -7.75 11.10
N ARG A 12 6.10 -6.73 11.36
CA ARG A 12 5.29 -6.72 12.57
C ARG A 12 4.04 -7.60 12.39
N LYS A 13 3.44 -7.99 13.50
CA LYS A 13 2.25 -8.83 13.46
C LYS A 13 2.41 -9.95 12.45
N PHE A 14 3.66 -10.25 12.10
CA PHE A 14 3.94 -11.31 11.13
C PHE A 14 3.26 -11.01 9.81
N PRO A 15 3.85 -11.42 8.71
CA PRO A 15 3.30 -11.20 7.35
C PRO A 15 1.79 -11.41 7.31
N TYR A 16 1.05 -10.38 6.88
CA TYR A 16 -0.41 -10.48 6.80
C TYR A 16 -0.90 -9.98 5.45
N LYS A 17 0.02 -9.51 4.62
CA LYS A 17 -0.33 -9.00 3.30
C LYS A 17 -1.20 -7.75 3.41
N SER A 18 -2.41 -7.92 3.93
CA SER A 18 -3.34 -6.80 4.08
C SER A 18 -2.84 -5.81 5.12
N GLU A 19 -2.48 -6.33 6.30
CA GLU A 19 -1.98 -5.49 7.38
C GLU A 19 -0.91 -4.54 6.86
N CYS A 20 -0.31 -4.91 5.73
CA CYS A 20 0.73 -4.09 5.12
C CYS A 20 0.15 -3.16 4.07
N LEU A 21 -0.62 -3.72 3.15
CA LEU A 21 -1.25 -2.91 2.10
C LEU A 21 -2.25 -1.94 2.73
N LYS A 22 -2.77 -2.32 3.89
CA LYS A 22 -3.73 -1.50 4.59
C LYS A 22 -3.14 -0.12 4.88
N ALA A 23 -1.93 -0.12 5.44
CA ALA A 23 -1.25 1.14 5.75
C ALA A 23 -1.15 2.00 4.50
N CYS A 24 -0.92 1.37 3.36
CA CYS A 24 -0.81 2.09 2.10
C CYS A 24 -2.14 2.74 1.72
N ALA A 25 -3.24 2.04 2.01
CA ALA A 25 -4.56 2.56 1.69
C ALA A 25 -5.05 3.51 2.77
N THR A 26 -4.44 3.41 3.95
CA THR A 26 -4.83 4.28 5.07
C THR A 26 -4.22 5.66 4.94
N SER A 27 -3.22 5.77 4.07
CA SER A 27 -2.55 7.05 3.85
C SER A 27 -3.55 8.20 3.91
N PHE A 28 -4.79 7.92 3.55
CA PHE A 28 -5.83 8.94 3.57
C PHE A 28 -7.21 8.32 3.34
N THR A 29 -8.06 8.39 4.35
CA THR A 29 -9.40 7.83 4.26
C THR A 29 -10.42 8.94 3.99
N GLY A 30 -11.05 8.88 2.82
CA GLY A 30 -12.05 9.89 2.46
C GLY A 30 -13.06 9.32 1.47
N GLY A 31 -13.07 9.85 0.26
CA GLY A 31 -14.00 9.38 -0.77
C GLY A 31 -13.69 7.94 -1.16
N ASP A 32 -12.73 7.77 -2.06
CA ASP A 32 -12.35 6.43 -2.50
C ASP A 32 -11.16 6.50 -3.45
N GLU A 33 -10.33 5.46 -3.44
CA GLU A 33 -9.15 5.41 -4.29
C GLU A 33 -8.56 6.81 -4.44
N SER A 34 -8.01 7.09 -5.62
CA SER A 34 -7.41 8.39 -5.89
C SER A 34 -6.22 8.63 -4.95
N ARG A 35 -5.26 7.72 -5.00
CA ARG A 35 -4.07 7.82 -4.16
C ARG A 35 -3.31 6.50 -4.18
N ILE A 36 -4.04 5.41 -4.41
CA ILE A 36 -3.44 4.09 -4.46
C ILE A 36 -4.20 3.18 -5.42
N GLN A 37 -5.51 3.31 -5.46
CA GLN A 37 -6.31 2.48 -6.34
C GLN A 37 -6.00 0.99 -6.10
N GLU A 38 -4.81 0.57 -6.49
CA GLU A 38 -4.41 -0.81 -6.30
C GLU A 38 -2.94 -0.88 -5.91
N GLY A 39 -2.57 -1.93 -5.19
CA GLY A 39 -1.20 -2.09 -4.75
C GLY A 39 -0.91 -3.54 -4.40
N LYS A 40 0.38 -3.89 -4.35
CA LYS A 40 0.79 -5.25 -4.02
C LYS A 40 1.54 -5.25 -2.69
N PRO A 41 1.30 -6.22 -1.84
CA PRO A 41 2.00 -6.31 -0.52
C PRO A 41 3.23 -7.21 -0.57
N GLY A 42 4.06 -7.10 0.45
CA GLY A 42 5.28 -7.89 0.54
C GLY A 42 5.81 -7.91 1.97
N PHE A 43 6.72 -8.82 2.24
CA PHE A 43 7.31 -8.94 3.57
C PHE A 43 8.36 -7.87 3.80
N PHE A 44 8.37 -7.28 4.99
CA PHE A 44 9.34 -6.24 5.32
C PHE A 44 9.19 -5.06 4.37
N LYS A 45 8.20 -5.13 3.50
CA LYS A 45 7.96 -4.04 2.54
C LYS A 45 6.71 -4.31 1.71
N CYS A 46 6.23 -3.26 1.04
CA CYS A 46 5.04 -3.38 0.21
C CYS A 46 5.01 -2.26 -0.82
N THR A 47 4.63 -2.60 -2.05
CA THR A 47 4.58 -1.60 -3.13
C THR A 47 3.14 -1.34 -3.56
N CYS A 48 2.79 -0.06 -3.67
CA CYS A 48 1.45 0.33 -4.09
C CYS A 48 1.55 1.28 -5.29
N TYR A 49 0.56 1.25 -6.16
CA TYR A 49 0.57 2.12 -7.33
C TYR A 49 -0.74 2.87 -7.43
N PHE A 50 -0.68 4.17 -7.70
CA PHE A 50 -1.89 4.97 -7.80
C PHE A 50 -2.31 5.12 -9.26
N THR A 51 -3.27 4.31 -9.66
CA THR A 51 -3.77 4.35 -11.04
C THR A 51 -3.95 5.79 -11.50
N THR A 52 -3.06 6.24 -12.37
CA THR A 52 -3.12 7.60 -12.89
C THR A 52 -2.79 7.63 -14.38
N GLY A 53 -3.78 8.03 -15.19
CA GLY A 53 -3.57 8.09 -16.63
C GLY A 53 -3.31 9.52 -17.08
N GLU A 1 5.17 1.25 -14.82
CA GLU A 1 5.78 2.59 -14.61
C GLU A 1 4.79 3.49 -13.90
N VAL A 2 3.54 3.05 -13.83
CA VAL A 2 2.49 3.83 -13.16
C VAL A 2 2.99 4.34 -11.81
N ILE A 3 2.46 5.48 -11.39
CA ILE A 3 2.85 6.07 -10.11
C ILE A 3 3.16 4.97 -9.10
N LYS A 4 4.34 5.05 -8.49
CA LYS A 4 4.75 4.05 -7.50
C LYS A 4 4.67 4.63 -6.09
N LYS A 5 3.92 3.94 -5.23
CA LYS A 5 3.76 4.38 -3.84
C LYS A 5 3.94 3.20 -2.89
N ASP A 6 5.09 3.15 -2.24
CA ASP A 6 5.38 2.07 -1.31
C ASP A 6 5.31 2.57 0.13
N THR A 7 4.59 1.83 0.98
CA THR A 7 4.45 2.22 2.38
C THR A 7 5.33 1.33 3.25
N PRO A 8 5.55 1.70 4.49
CA PRO A 8 6.39 0.91 5.42
C PRO A 8 5.55 -0.02 6.31
N TYR A 9 6.13 -1.15 6.68
CA TYR A 9 5.43 -2.13 7.51
C TYR A 9 6.38 -2.71 8.56
N LYS A 10 7.58 -3.07 8.12
CA LYS A 10 8.57 -3.65 9.01
C LYS A 10 8.22 -5.10 9.33
N LYS A 11 7.09 -5.29 10.01
CA LYS A 11 6.63 -6.63 10.38
C LYS A 11 5.77 -6.57 11.64
N ARG A 12 4.98 -5.52 11.76
CA ARG A 12 4.12 -5.36 12.93
C ARG A 12 3.45 -6.69 13.29
N LYS A 13 4.00 -7.37 14.28
CA LYS A 13 3.45 -8.65 14.72
C LYS A 13 3.60 -9.69 13.61
N PHE A 14 2.54 -10.46 13.41
CA PHE A 14 2.55 -11.50 12.37
C PHE A 14 2.21 -10.89 11.01
N PRO A 15 2.88 -11.32 9.97
CA PRO A 15 2.62 -10.81 8.59
C PRO A 15 1.27 -11.27 8.07
N TYR A 16 0.66 -10.46 7.21
CA TYR A 16 -0.64 -10.80 6.65
C TYR A 16 -0.90 -10.06 5.35
N LYS A 17 0.16 -9.55 4.73
CA LYS A 17 0.04 -8.82 3.48
C LYS A 17 -1.01 -7.73 3.61
N SER A 18 -2.29 -8.13 3.59
CA SER A 18 -3.38 -7.17 3.71
C SER A 18 -3.09 -6.16 4.82
N GLU A 19 -2.70 -6.66 5.98
CA GLU A 19 -2.39 -5.80 7.11
C GLU A 19 -1.33 -4.78 6.73
N CYS A 20 -0.52 -5.14 5.73
CA CYS A 20 0.54 -4.24 5.27
C CYS A 20 0.05 -3.40 4.10
N LEU A 21 -0.66 -4.03 3.18
CA LEU A 21 -1.21 -3.32 2.04
C LEU A 21 -2.13 -2.20 2.51
N LYS A 22 -2.86 -2.47 3.58
CA LYS A 22 -3.77 -1.47 4.12
C LYS A 22 -3.02 -0.18 4.42
N ALA A 23 -1.94 -0.29 5.19
CA ALA A 23 -1.14 0.88 5.52
C ALA A 23 -1.03 1.79 4.31
N CYS A 24 -0.86 1.18 3.15
CA CYS A 24 -0.75 1.94 1.91
C CYS A 24 -2.02 2.76 1.68
N ALA A 25 -3.17 2.14 1.95
CA ALA A 25 -4.44 2.82 1.77
C ALA A 25 -4.72 3.78 2.92
N THR A 26 -4.01 3.59 4.04
CA THR A 26 -4.19 4.44 5.20
C THR A 26 -3.17 5.58 5.20
N SER A 27 -2.12 5.41 4.41
CA SER A 27 -1.08 6.44 4.32
C SER A 27 -1.69 7.83 4.45
N PHE A 28 -2.63 8.14 3.55
CA PHE A 28 -3.29 9.44 3.57
C PHE A 28 -4.80 9.28 3.63
N THR A 29 -5.37 8.64 2.60
CA THR A 29 -6.81 8.42 2.55
C THR A 29 -7.53 9.71 2.16
N GLY A 30 -8.77 9.84 2.61
CA GLY A 30 -9.56 11.03 2.31
C GLY A 30 -10.42 10.80 1.06
N GLY A 31 -10.27 9.63 0.45
CA GLY A 31 -11.03 9.30 -0.75
C GLY A 31 -10.74 7.88 -1.21
N ASP A 32 -11.74 7.02 -1.10
CA ASP A 32 -11.60 5.63 -1.52
C ASP A 32 -10.96 5.54 -2.89
N GLU A 33 -9.96 4.67 -3.03
CA GLU A 33 -9.27 4.49 -4.30
C GLU A 33 -8.70 5.82 -4.79
N SER A 34 -7.86 6.44 -3.95
CA SER A 34 -7.23 7.70 -4.31
C SER A 34 -5.80 7.73 -3.78
N ARG A 35 -4.84 7.63 -4.69
CA ARG A 35 -3.43 7.62 -4.33
C ARG A 35 -2.91 6.19 -4.36
N ILE A 36 -3.82 5.23 -4.51
CA ILE A 36 -3.45 3.82 -4.57
C ILE A 36 -4.35 3.07 -5.53
N GLN A 37 -5.59 2.82 -5.10
CA GLN A 37 -6.53 2.09 -5.94
C GLN A 37 -6.13 0.64 -6.07
N GLU A 38 -4.84 0.41 -6.30
CA GLU A 38 -4.32 -0.95 -6.44
C GLU A 38 -2.85 -1.00 -6.04
N GLY A 39 -2.48 -2.08 -5.36
CA GLY A 39 -1.10 -2.26 -4.92
C GLY A 39 -0.84 -3.71 -4.49
N LYS A 40 0.43 -4.06 -4.36
CA LYS A 40 0.80 -5.41 -3.95
C LYS A 40 1.40 -5.40 -2.55
N PRO A 41 1.49 -6.52 -1.90
CA PRO A 41 2.06 -6.63 -0.53
C PRO A 41 3.53 -7.06 -0.54
N GLY A 42 4.18 -6.88 0.61
CA GLY A 42 5.58 -7.25 0.75
C GLY A 42 5.96 -7.33 2.23
N PHE A 43 6.89 -8.23 2.54
CA PHE A 43 7.33 -8.39 3.92
C PHE A 43 8.27 -7.24 4.30
N PHE A 44 8.01 -6.63 5.44
CA PHE A 44 8.84 -5.52 5.90
C PHE A 44 8.64 -4.29 5.00
N LYS A 45 7.68 -4.40 4.10
CA LYS A 45 7.38 -3.30 3.17
C LYS A 45 6.35 -3.74 2.13
N CYS A 46 5.65 -2.77 1.55
CA CYS A 46 4.64 -3.07 0.54
C CYS A 46 4.68 -2.03 -0.58
N THR A 47 4.52 -2.50 -1.81
CA THR A 47 4.54 -1.60 -2.96
C THR A 47 3.13 -1.40 -3.50
N CYS A 48 2.79 -0.15 -3.80
CA CYS A 48 1.46 0.17 -4.32
C CYS A 48 1.55 1.20 -5.44
N TYR A 49 0.53 1.22 -6.29
CA TYR A 49 0.50 2.17 -7.41
C TYR A 49 -0.79 2.98 -7.36
N PHE A 50 -0.74 4.22 -7.82
CA PHE A 50 -1.93 5.07 -7.81
C PHE A 50 -2.57 5.10 -9.19
N THR A 51 -3.68 4.36 -9.34
CA THR A 51 -4.38 4.29 -10.61
C THR A 51 -4.94 5.66 -10.99
N THR A 52 -4.32 6.30 -11.97
CA THR A 52 -4.76 7.62 -12.41
C THR A 52 -4.46 7.81 -13.89
N GLY A 53 -5.44 8.34 -14.62
CA GLY A 53 -5.27 8.57 -16.05
C GLY A 53 -6.17 7.65 -16.86
#